data_6OL6
#
_entry.id   6OL6
#
_cell.length_a   135.688
_cell.length_b   95.895
_cell.length_c   66.741
_cell.angle_alpha   90.00
_cell.angle_beta   96.15
_cell.angle_gamma   90.00
#
_symmetry.space_group_name_H-M   'C 1 2 1'
#
loop_
_entity.id
_entity.type
_entity.pdbx_description
1 polymer 'ib2 Heavy Chain'
2 polymer 'ib2 Light Chain'
3 polymer 'iglb12 Heavy Chain'
4 polymer 'iglb12 light chain'
5 non-polymer 'CHLORIDE ION'
6 water water
#
loop_
_entity_poly.entity_id
_entity_poly.type
_entity_poly.pdbx_seq_one_letter_code
_entity_poly.pdbx_strand_id
1 'polypeptide(L)'
;QVQLQQSGAELARPGASVKLSCKASGYTFTSYGITWVKQRTGQGLEWIGEIYPRSGKNWYNERFKGKATLTADTSSSTAY
MEFRSLTSEDSAVYFCARTEYGSSPQWYFDAWGTGTTVTVSSAKTTPPSVYPLAPGSAAQTNSMVTLGCLVKGYFPEPVT
VTWNSGSLSSGVHTFPAVLQSDLYTLSSSVTVPSSPRPSETVTCNVAHPASSTKVDKKIVPRDCGCK
;
A
2 'polypeptide(L)'
;SIVMTQTPKFLPVTADDRVTITCKASQILNNEVAWYQQKPGQSPKLLIFYASNRYTGVPDRFTGSGSGTDFTFTISSVQV
EDLAVYFCQQHYSSPYTFGGGTKLEVKRADAAPTVSIFPPSSEQLTSGGASVVCFLNNFYPKDINVKWKIDGSERQNGVL
NSWTDQDSKDSTYSMSSTLTLTKDEYERHNSYTCEATHKTSTSPIVKSFNRNEC
;
B
3 'polypeptide(L)'
;GSQVQLVQSGAEVKKPGASVKVSCKASGYTFTSYAMHWVRQAPGQRLEWMGWINAGNGNTKYSQKFQGRVTITRDTSAST
AYMELSSLRSEDTAVYYCARVGPYCGGDSPQDNYYMDVWGKGTTVTVSSSAWSHPQFEK
;
H
4 'polypeptide(L)'
;EIVLTQSPGTLSLSPGERATLSCRASQSVSSSYLAWYQQKPGQAPRLLIYGASSRATGIPDRFSGSGSGTDFTLTISRLE
PEDFAVYYCQQYGSSSYTFGQGTKLEIKRLVPR
;
L
#
loop_
_chem_comp.id
_chem_comp.type
_chem_comp.name
_chem_comp.formula
CL non-polymer 'CHLORIDE ION' 'Cl -1'
#
# COMPACT_ATOMS: atom_id res chain seq x y z
N GLN A 1 4.01 15.92 -7.48
CA GLN A 1 4.73 14.99 -6.57
C GLN A 1 3.91 14.66 -5.33
N VAL A 2 3.36 13.44 -5.30
CA VAL A 2 2.62 13.00 -4.13
C VAL A 2 3.57 12.91 -2.95
N GLN A 3 3.11 13.36 -1.78
CA GLN A 3 3.95 13.43 -0.60
C GLN A 3 3.10 13.33 0.65
N LEU A 4 3.47 12.42 1.54
CA LEU A 4 2.80 12.22 2.82
C LEU A 4 3.84 12.39 3.93
N GLN A 5 3.86 13.57 4.55
CA GLN A 5 4.82 13.87 5.61
C GLN A 5 4.23 13.42 6.94
N GLN A 6 4.98 12.59 7.67
CA GLN A 6 4.53 12.06 8.95
C GLN A 6 5.33 12.67 10.08
N SER A 7 4.66 12.86 11.22
CA SER A 7 5.26 13.53 12.36
C SER A 7 6.53 12.82 12.82
N GLY A 8 7.22 13.45 13.76
CA GLY A 8 8.43 12.88 14.31
C GLY A 8 8.17 11.68 15.19
N ALA A 9 9.23 10.91 15.42
CA ALA A 9 9.13 9.71 16.25
C ALA A 9 8.47 10.04 17.58
N GLU A 10 7.45 9.24 17.92
CA GLU A 10 6.74 9.41 19.18
C GLU A 10 7.36 8.55 20.26
N LEU A 11 7.46 9.09 21.46
CA LEU A 11 7.94 8.38 22.64
C LEU A 11 6.88 8.49 23.72
N ALA A 12 6.25 7.36 24.05
CA ALA A 12 5.16 7.34 25.00
C ALA A 12 5.44 6.34 26.10
N ARG A 13 4.85 6.59 27.26
CA ARG A 13 4.95 5.66 28.37
C ARG A 13 3.87 4.60 28.26
N PRO A 14 4.07 3.43 28.87
CA PRO A 14 3.03 2.40 28.84
C PRO A 14 1.71 2.91 29.37
N GLY A 15 0.61 2.46 28.77
CA GLY A 15 -0.71 2.88 29.17
C GLY A 15 -1.11 4.26 28.71
N ALA A 16 -0.20 5.02 28.11
CA ALA A 16 -0.52 6.35 27.60
C ALA A 16 -1.07 6.26 26.19
N SER A 17 -1.37 7.42 25.61
CA SER A 17 -1.92 7.50 24.26
C SER A 17 -1.02 8.38 23.40
N VAL A 18 -1.13 8.19 22.08
CA VAL A 18 -0.36 8.94 21.10
C VAL A 18 -1.28 9.25 19.92
N LYS A 19 -0.98 10.37 19.25
CA LYS A 19 -1.72 10.79 18.07
C LYS A 19 -0.71 11.12 16.97
N LEU A 20 -0.67 10.29 15.93
CA LEU A 20 0.26 10.48 14.83
C LEU A 20 -0.39 11.33 13.74
N SER A 21 0.44 12.13 13.06
CA SER A 21 -0.01 13.01 12.01
C SER A 21 0.49 12.52 10.65
N CYS A 22 -0.25 12.89 9.61
CA CYS A 22 0.10 12.52 8.24
C CYS A 22 -0.45 13.61 7.32
N LYS A 23 0.41 14.58 7.01
CA LYS A 23 0.05 15.71 6.16
C LYS A 23 0.30 15.34 4.70
N ALA A 24 -0.72 15.52 3.86
CA ALA A 24 -0.66 15.12 2.47
C ALA A 24 -0.55 16.35 1.57
N SER A 25 0.20 16.19 0.48
CA SER A 25 0.37 17.25 -0.50
C SER A 25 0.72 16.62 -1.84
N GLY A 26 0.56 17.40 -2.91
CA GLY A 26 0.83 16.93 -4.24
C GLY A 26 -0.36 16.32 -4.95
N TYR A 27 -1.54 16.31 -4.33
CA TYR A 27 -2.74 15.76 -4.94
C TYR A 27 -3.94 16.29 -4.16
N THR A 28 -5.13 15.90 -4.61
CA THR A 28 -6.37 16.38 -4.01
C THR A 28 -6.73 15.46 -2.85
N PHE A 29 -6.51 15.95 -1.64
CA PHE A 29 -6.65 15.12 -0.44
C PHE A 29 -7.99 14.38 -0.38
N THR A 30 -9.06 15.07 -0.77
CA THR A 30 -10.40 14.51 -0.64
C THR A 30 -10.76 13.52 -1.75
N SER A 31 -9.85 13.24 -2.68
CA SER A 31 -10.12 12.32 -3.78
C SER A 31 -9.63 10.91 -3.51
N TYR A 32 -8.89 10.68 -2.42
CA TYR A 32 -8.35 9.38 -2.11
C TYR A 32 -8.55 9.10 -0.62
N GLY A 33 -8.19 7.88 -0.22
CA GLY A 33 -8.24 7.48 1.17
C GLY A 33 -6.87 7.46 1.81
N ILE A 34 -6.86 7.14 3.10
CA ILE A 34 -5.63 7.09 3.89
C ILE A 34 -5.69 5.85 4.76
N THR A 35 -4.81 4.88 4.49
CA THR A 35 -4.65 3.72 5.36
C THR A 35 -3.43 3.90 6.25
N TRP A 36 -3.38 3.11 7.31
CA TRP A 36 -2.25 3.09 8.23
C TRP A 36 -1.76 1.66 8.35
N VAL A 37 -0.45 1.49 8.28
CA VAL A 37 0.19 0.18 8.31
C VAL A 37 1.20 0.15 9.44
N LYS A 38 1.24 -0.97 10.15
CA LYS A 38 2.20 -1.20 11.22
C LYS A 38 3.29 -2.13 10.73
N GLN A 39 4.55 -1.81 11.08
CA GLN A 39 5.69 -2.63 10.70
C GLN A 39 6.65 -2.67 11.89
N ARG A 40 6.65 -3.81 12.59
CA ARG A 40 7.66 -4.02 13.62
C ARG A 40 9.02 -4.24 12.96
N THR A 41 10.03 -3.59 13.50
CA THR A 41 11.35 -3.57 12.87
C THR A 41 11.83 -4.97 12.54
N GLY A 42 11.97 -5.25 11.25
CA GLY A 42 12.55 -6.49 10.78
C GLY A 42 11.59 -7.52 10.23
N GLN A 43 10.31 -7.18 10.07
CA GLN A 43 9.33 -8.15 9.60
C GLN A 43 8.28 -7.43 8.75
N GLY A 44 7.20 -8.13 8.43
CA GLY A 44 6.25 -7.68 7.43
C GLY A 44 5.34 -6.56 7.90
N LEU A 45 4.35 -6.28 7.08
CA LEU A 45 3.41 -5.19 7.29
C LEU A 45 2.09 -5.71 7.86
N GLU A 46 1.36 -4.82 8.53
CA GLU A 46 0.07 -5.14 9.10
C GLU A 46 -0.88 -3.97 8.91
N TRP A 47 -2.03 -4.25 8.31
CA TRP A 47 -3.00 -3.21 8.00
C TRP A 47 -3.81 -2.87 9.24
N ILE A 48 -3.90 -1.57 9.55
CA ILE A 48 -4.60 -1.11 10.75
C ILE A 48 -6.03 -0.70 10.39
N GLY A 49 -6.16 0.22 9.44
CA GLY A 49 -7.49 0.71 9.09
C GLY A 49 -7.43 1.70 7.95
N GLU A 50 -8.59 2.23 7.61
CA GLU A 50 -8.77 3.12 6.48
C GLU A 50 -9.70 4.26 6.88
N ILE A 51 -9.49 5.43 6.29
CA ILE A 51 -10.41 6.54 6.43
C ILE A 51 -10.54 7.24 5.09
N TYR A 52 -11.74 7.72 4.79
CA TYR A 52 -12.02 8.51 3.59
C TYR A 52 -12.27 9.95 4.01
N PRO A 53 -11.28 10.84 3.92
CA PRO A 53 -11.43 12.17 4.53
C PRO A 53 -12.66 12.93 4.05
N ARG A 54 -13.02 12.82 2.76
CA ARG A 54 -14.13 13.60 2.24
C ARG A 54 -15.39 13.43 3.06
N SER A 55 -15.60 12.25 3.63
CA SER A 55 -16.79 11.96 4.43
C SER A 55 -16.48 11.54 5.85
N GLY A 56 -15.23 11.25 6.19
CA GLY A 56 -14.89 10.76 7.50
C GLY A 56 -15.14 9.28 7.72
N LYS A 57 -15.83 8.62 6.80
CA LYS A 57 -16.06 7.18 6.93
C LYS A 57 -14.74 6.44 7.05
N ASN A 58 -14.69 5.48 7.96
CA ASN A 58 -13.46 4.75 8.23
C ASN A 58 -13.76 3.26 8.37
N TRP A 59 -12.80 2.46 7.94
CA TRP A 59 -12.82 1.02 8.14
C TRP A 59 -11.66 0.65 9.07
N TYR A 60 -11.87 -0.40 9.87
CA TYR A 60 -10.87 -0.82 10.84
C TYR A 60 -10.60 -2.32 10.70
N ASN A 61 -9.37 -2.71 11.02
CA ASN A 61 -9.05 -4.10 11.29
C ASN A 61 -9.55 -4.44 12.68
N GLU A 62 -10.29 -5.56 12.79
CA GLU A 62 -10.85 -5.94 14.08
C GLU A 62 -9.81 -5.93 15.20
N ARG A 63 -8.54 -6.16 14.85
CA ARG A 63 -7.49 -6.21 15.86
C ARG A 63 -7.20 -4.85 16.49
N PHE A 64 -7.53 -3.76 15.81
CA PHE A 64 -7.17 -2.42 16.26
C PHE A 64 -8.38 -1.52 16.56
N LYS A 65 -9.60 -2.08 16.56
CA LYS A 65 -10.78 -1.22 16.70
C LYS A 65 -10.75 -0.44 18.00
N GLY A 66 -10.52 -1.14 19.12
CA GLY A 66 -10.54 -0.47 20.41
C GLY A 66 -9.29 0.35 20.68
N LYS A 67 -8.18 -0.01 20.06
CA LYS A 67 -6.90 0.64 20.35
C LYS A 67 -6.61 1.82 19.43
N ALA A 68 -7.07 1.79 18.19
CA ALA A 68 -6.76 2.82 17.22
C ALA A 68 -8.03 3.56 16.79
N THR A 69 -7.88 4.84 16.50
CA THR A 69 -8.96 5.68 16.03
C THR A 69 -8.44 6.58 14.92
N LEU A 70 -9.09 6.53 13.76
CA LEU A 70 -8.65 7.25 12.57
C LEU A 70 -9.55 8.46 12.32
N THR A 71 -8.94 9.63 12.22
CA THR A 71 -9.63 10.86 11.90
C THR A 71 -8.86 11.61 10.83
N ALA A 72 -9.45 12.69 10.33
CA ALA A 72 -8.84 13.47 9.27
C ALA A 72 -9.42 14.88 9.27
N ASP A 73 -8.60 15.83 8.83
CA ASP A 73 -8.99 17.24 8.76
C ASP A 73 -8.75 17.72 7.33
N THR A 74 -9.80 17.75 6.52
CA THR A 74 -9.65 18.16 5.13
C THR A 74 -9.19 19.60 4.99
N SER A 75 -9.44 20.44 6.00
CA SER A 75 -8.99 21.82 5.93
C SER A 75 -7.47 21.90 5.85
N SER A 76 -6.77 21.03 6.56
CA SER A 76 -5.31 21.02 6.59
C SER A 76 -4.70 19.86 5.84
N SER A 77 -5.51 19.02 5.20
CA SER A 77 -5.02 17.86 4.45
C SER A 77 -4.15 16.97 5.32
N THR A 78 -4.64 16.70 6.53
CA THR A 78 -3.90 15.93 7.52
C THR A 78 -4.76 14.78 8.03
N ALA A 79 -4.18 13.59 8.09
CA ALA A 79 -4.81 12.43 8.67
C ALA A 79 -4.17 12.12 10.00
N TYR A 80 -4.99 11.63 10.95
CA TYR A 80 -4.54 11.36 12.30
C TYR A 80 -4.90 9.94 12.70
N MET A 81 -4.06 9.34 13.54
CA MET A 81 -4.34 8.04 14.14
C MET A 81 -3.98 8.12 15.61
N GLU A 82 -4.98 7.95 16.48
CA GLU A 82 -4.78 7.99 17.91
C GLU A 82 -4.73 6.58 18.46
N PHE A 83 -3.68 6.29 19.24
CA PHE A 83 -3.52 5.02 19.92
C PHE A 83 -3.70 5.22 21.41
N ARG A 84 -4.42 4.30 22.05
CA ARG A 84 -4.62 4.33 23.49
C ARG A 84 -4.08 3.04 24.12
N SER A 85 -3.85 3.11 25.43
CA SER A 85 -3.41 1.95 26.22
C SER A 85 -2.16 1.32 25.59
N LEU A 86 -1.14 2.15 25.39
CA LEU A 86 0.06 1.70 24.70
C LEU A 86 0.80 0.64 25.52
N THR A 87 1.37 -0.33 24.81
CA THR A 87 2.16 -1.38 25.41
C THR A 87 3.42 -1.58 24.57
N SER A 88 4.34 -2.41 25.07
CA SER A 88 5.56 -2.69 24.33
C SER A 88 5.26 -3.31 22.97
N GLU A 89 4.10 -3.98 22.84
CA GLU A 89 3.74 -4.59 21.56
C GLU A 89 3.41 -3.55 20.50
N ASP A 90 3.16 -2.30 20.90
CA ASP A 90 2.83 -1.25 19.96
C ASP A 90 4.05 -0.51 19.43
N SER A 91 5.23 -0.77 19.98
CA SER A 91 6.45 -0.14 19.50
C SER A 91 6.76 -0.62 18.08
N ALA A 92 6.73 0.29 17.13
CA ALA A 92 6.99 -0.05 15.73
C ALA A 92 7.01 1.19 14.87
N VAL A 93 7.31 1.02 13.59
CA VAL A 93 7.18 2.10 12.60
C VAL A 93 5.76 2.06 12.05
N TYR A 94 5.13 3.22 11.97
CA TYR A 94 3.76 3.34 11.48
C TYR A 94 3.76 4.20 10.23
N PHE A 95 3.29 3.64 9.12
CA PHE A 95 3.20 4.35 7.86
C PHE A 95 1.75 4.75 7.60
N CYS A 96 1.58 5.93 7.03
CA CYS A 96 0.34 6.27 6.35
C CYS A 96 0.57 6.16 4.86
N ALA A 97 -0.49 5.80 4.14
CA ALA A 97 -0.40 5.63 2.70
C ALA A 97 -1.71 6.07 2.07
N ARG A 98 -1.62 6.58 0.85
CA ARG A 98 -2.78 6.99 0.09
C ARG A 98 -3.37 5.79 -0.64
N THR A 99 -4.69 5.63 -0.54
CA THR A 99 -5.38 4.50 -1.14
C THR A 99 -6.00 4.90 -2.48
N GLU A 100 -5.95 3.98 -3.45
CA GLU A 100 -6.55 4.22 -4.74
C GLU A 100 -8.07 4.12 -4.64
N TYR A 101 -8.76 5.09 -5.25
CA TYR A 101 -10.22 5.14 -5.25
C TYR A 101 -10.74 5.35 -6.66
N GLY A 102 -11.83 4.67 -6.99
CA GLY A 102 -12.53 4.87 -8.24
C GLY A 102 -14.02 4.81 -8.02
N SER A 103 -14.69 3.83 -8.63
CA SER A 103 -16.08 3.56 -8.29
C SER A 103 -16.22 3.03 -6.87
N SER A 104 -15.11 2.63 -6.25
CA SER A 104 -15.10 2.17 -4.87
C SER A 104 -13.66 2.14 -4.39
N PRO A 105 -13.42 2.16 -3.09
CA PRO A 105 -12.05 2.00 -2.58
C PRO A 105 -11.42 0.73 -3.11
N GLN A 106 -10.18 0.86 -3.60
CA GLN A 106 -9.49 -0.27 -4.23
C GLN A 106 -8.58 -1.01 -3.25
N TRP A 107 -8.26 -0.42 -2.11
CA TRP A 107 -7.58 -1.10 -1.01
C TRP A 107 -6.15 -1.49 -1.34
N TYR A 108 -5.52 -0.82 -2.30
CA TYR A 108 -4.08 -0.87 -2.46
C TYR A 108 -3.55 0.54 -2.45
N PHE A 109 -2.28 0.70 -2.05
CA PHE A 109 -1.74 1.98 -1.61
C PHE A 109 -0.54 2.34 -2.47
N ASP A 110 -0.67 3.43 -3.23
CA ASP A 110 0.31 3.77 -4.24
C ASP A 110 1.32 4.83 -3.78
N ALA A 111 1.12 5.43 -2.61
CA ALA A 111 2.01 6.47 -2.10
C ALA A 111 2.09 6.33 -0.60
N TRP A 112 3.31 6.11 -0.09
CA TRP A 112 3.53 5.85 1.33
C TRP A 112 4.24 7.04 1.98
N GLY A 113 3.98 7.22 3.27
CA GLY A 113 4.51 8.34 4.01
C GLY A 113 5.90 8.10 4.57
N THR A 114 6.42 9.14 5.22
CA THR A 114 7.77 9.10 5.79
C THR A 114 7.93 7.90 6.72
N GLY A 115 7.03 7.76 7.68
CA GLY A 115 7.13 6.72 8.69
C GLY A 115 7.45 7.30 10.06
N THR A 116 6.60 7.02 11.03
CA THR A 116 6.77 7.48 12.40
C THR A 116 7.14 6.30 13.28
N THR A 117 8.31 6.38 13.92
CA THR A 117 8.75 5.34 14.83
C THR A 117 8.19 5.62 16.22
N VAL A 118 7.40 4.68 16.73
CA VAL A 118 6.80 4.79 18.05
C VAL A 118 7.56 3.88 19.00
N THR A 119 8.01 4.45 20.12
CA THR A 119 8.71 3.71 21.16
C THR A 119 7.92 3.84 22.45
N VAL A 120 7.50 2.70 22.99
CA VAL A 120 6.76 2.65 24.25
C VAL A 120 7.75 2.27 25.34
N SER A 121 8.06 3.23 26.21
CA SER A 121 9.07 2.99 27.24
C SER A 121 8.91 4.02 28.34
N SER A 122 9.35 3.64 29.54
CA SER A 122 9.38 4.52 30.69
C SER A 122 10.77 5.11 30.93
N ALA A 123 11.74 4.78 30.08
CA ALA A 123 13.10 5.25 30.27
C ALA A 123 13.19 6.77 30.14
N LYS A 124 14.14 7.35 30.85
CA LYS A 124 14.43 8.77 30.77
C LYS A 124 15.64 9.00 29.88
N THR A 125 15.75 10.24 29.37
CA THR A 125 16.89 10.61 28.55
C THR A 125 18.18 10.34 29.32
N THR A 126 18.96 9.35 28.87
CA THR A 126 20.20 8.97 29.51
C THR A 126 21.35 9.05 28.52
N PRO A 127 22.49 9.60 28.92
CA PRO A 127 23.65 9.63 28.02
C PRO A 127 24.37 8.30 28.00
N PRO A 128 25.10 8.00 26.93
CA PRO A 128 25.83 6.74 26.86
C PRO A 128 27.09 6.74 27.72
N SER A 129 27.50 5.54 28.09
CA SER A 129 28.82 5.29 28.66
C SER A 129 29.66 4.61 27.59
N VAL A 130 30.70 5.29 27.12
CA VAL A 130 31.53 4.82 26.02
C VAL A 130 32.75 4.12 26.58
N TYR A 131 32.98 2.88 26.15
CA TYR A 131 34.05 2.05 26.67
C TYR A 131 34.93 1.58 25.52
N PRO A 132 36.24 1.73 25.61
CA PRO A 132 37.10 1.22 24.53
C PRO A 132 37.14 -0.30 24.53
N LEU A 133 37.44 -0.85 23.37
CA LEU A 133 37.57 -2.30 23.20
C LEU A 133 38.92 -2.59 22.56
N ALA A 134 39.80 -3.22 23.31
CA ALA A 134 41.14 -3.57 22.84
C ALA A 134 41.38 -5.05 23.05
N PRO A 135 42.25 -5.67 22.24
CA PRO A 135 42.55 -7.10 22.38
C PRO A 135 43.00 -7.48 23.79
N ASN A 142 48.72 -10.30 13.76
CA ASN A 142 48.92 -10.47 12.32
C ASN A 142 48.94 -9.10 11.62
N SER A 143 48.46 -9.05 10.37
CA SER A 143 48.57 -7.83 9.58
C SER A 143 47.51 -6.80 9.98
N MET A 144 46.27 -7.24 10.20
CA MET A 144 45.18 -6.35 10.55
C MET A 144 44.91 -6.39 12.05
N VAL A 145 44.37 -5.29 12.57
CA VAL A 145 43.95 -5.20 13.97
C VAL A 145 42.53 -4.65 13.98
N THR A 146 41.66 -5.29 14.76
CA THR A 146 40.26 -4.89 14.88
C THR A 146 40.04 -4.34 16.28
N LEU A 147 39.59 -3.10 16.35
CA LEU A 147 39.26 -2.45 17.61
C LEU A 147 37.76 -2.20 17.68
N GLY A 148 37.31 -1.75 18.85
CA GLY A 148 35.90 -1.56 19.07
C GLY A 148 35.62 -0.40 20.01
N CYS A 149 34.33 -0.04 20.06
CA CYS A 149 33.85 1.08 20.85
CA CYS A 149 33.86 1.07 20.89
C CYS A 149 32.48 0.69 21.38
N LEU A 150 32.37 0.44 22.68
CA LEU A 150 31.11 0.00 23.29
C LEU A 150 30.34 1.20 23.82
N VAL A 151 29.14 1.42 23.28
CA VAL A 151 28.29 2.54 23.66
C VAL A 151 27.08 1.94 24.36
N LYS A 152 27.04 2.04 25.69
CA LYS A 152 26.09 1.30 26.51
C LYS A 152 25.29 2.24 27.39
N GLY A 153 23.99 1.93 27.52
CA GLY A 153 23.18 2.54 28.55
C GLY A 153 22.59 3.90 28.22
N TYR A 154 22.32 4.17 26.96
CA TYR A 154 21.80 5.46 26.54
C TYR A 154 20.34 5.35 26.12
N PHE A 155 19.63 6.47 26.23
CA PHE A 155 18.25 6.55 25.78
C PHE A 155 17.93 8.01 25.53
N PRO A 156 17.20 8.36 24.46
CA PRO A 156 16.68 7.49 23.40
C PRO A 156 17.67 7.37 22.23
N GLU A 157 17.21 6.78 21.14
CA GLU A 157 18.00 6.76 19.92
C GLU A 157 17.97 8.14 19.26
N PRO A 158 18.94 8.42 18.38
CA PRO A 158 20.11 7.63 18.02
C PRO A 158 21.40 8.17 18.63
N VAL A 159 22.50 7.50 18.33
CA VAL A 159 23.84 8.02 18.58
C VAL A 159 24.58 8.02 17.25
N THR A 160 25.62 8.83 17.19
CA THR A 160 26.52 8.86 16.04
C THR A 160 27.90 8.39 16.48
N VAL A 161 28.59 7.70 15.58
CA VAL A 161 29.92 7.15 15.86
C VAL A 161 30.81 7.42 14.67
N THR A 162 32.00 7.96 14.93
CA THR A 162 33.04 8.10 13.92
C THR A 162 34.36 7.71 14.56
N TRP A 163 35.39 7.57 13.72
CA TRP A 163 36.70 7.12 14.17
C TRP A 163 37.75 8.12 13.71
N ASN A 164 38.53 8.63 14.66
CA ASN A 164 39.53 9.66 14.39
C ASN A 164 38.92 10.80 13.59
N SER A 165 37.73 11.23 14.02
CA SER A 165 37.03 12.36 13.41
C SER A 165 36.71 12.09 11.94
N GLY A 166 36.55 10.81 11.57
CA GLY A 166 36.20 10.43 10.22
C GLY A 166 37.38 10.02 9.36
N SER A 167 38.61 10.31 9.77
CA SER A 167 39.76 9.91 8.98
C SER A 167 39.84 8.41 8.79
N LEU A 168 39.24 7.63 9.69
CA LEU A 168 39.11 6.18 9.53
C LEU A 168 37.67 5.91 9.11
N SER A 169 37.48 5.68 7.81
CA SER A 169 36.17 5.38 7.25
C SER A 169 36.07 3.98 6.68
N SER A 170 37.13 3.50 6.02
CA SER A 170 37.16 2.13 5.53
C SER A 170 37.43 1.16 6.67
N GLY A 171 36.88 -0.04 6.55
CA GLY A 171 37.00 -1.02 7.61
C GLY A 171 36.22 -0.67 8.86
N VAL A 172 35.16 0.12 8.73
CA VAL A 172 34.33 0.53 9.84
C VAL A 172 32.91 0.06 9.59
N HIS A 173 32.27 -0.44 10.65
CA HIS A 173 30.84 -0.74 10.61
C HIS A 173 30.32 -0.72 12.03
N THR A 174 29.14 -0.14 12.21
CA THR A 174 28.49 -0.05 13.52
C THR A 174 27.27 -0.96 13.53
N PHE A 175 27.08 -1.65 14.66
CA PHE A 175 26.00 -2.61 14.76
C PHE A 175 24.72 -1.92 15.25
N PRO A 176 23.55 -2.42 14.85
CA PRO A 176 22.30 -1.87 15.38
C PRO A 176 22.25 -1.96 16.89
N ALA A 177 21.59 -0.99 17.50
CA ALA A 177 21.44 -0.97 18.95
C ALA A 177 20.47 -2.05 19.40
N VAL A 178 20.72 -2.57 20.61
CA VAL A 178 19.84 -3.54 21.24
C VAL A 178 19.38 -2.97 22.57
N LEU A 179 18.22 -3.43 23.03
CA LEU A 179 17.66 -2.97 24.29
C LEU A 179 18.22 -3.81 25.43
N GLN A 180 18.91 -3.15 26.36
CA GLN A 180 19.51 -3.81 27.51
C GLN A 180 19.10 -3.07 28.77
N SER A 181 18.23 -3.69 29.57
CA SER A 181 17.76 -3.09 30.82
C SER A 181 16.99 -1.81 30.56
N ASP A 182 16.13 -1.83 29.54
CA ASP A 182 15.30 -0.70 29.14
C ASP A 182 16.13 0.45 28.58
N LEU A 183 17.41 0.24 28.32
CA LEU A 183 18.27 1.20 27.67
C LEU A 183 18.84 0.58 26.40
N TYR A 184 19.51 1.41 25.60
CA TYR A 184 20.10 0.97 24.35
C TYR A 184 21.59 0.72 24.53
N THR A 185 22.09 -0.29 23.85
CA THR A 185 23.52 -0.60 23.82
C THR A 185 23.94 -0.81 22.39
N LEU A 186 25.06 -0.18 22.01
CA LEU A 186 25.55 -0.22 20.65
C LEU A 186 27.04 -0.53 20.67
N SER A 187 27.55 -0.98 19.53
CA SER A 187 28.96 -1.28 19.37
C SER A 187 29.42 -0.90 17.98
N SER A 188 30.68 -0.47 17.88
CA SER A 188 31.27 -0.09 16.60
C SER A 188 32.63 -0.76 16.46
N SER A 189 32.92 -1.21 15.24
CA SER A 189 34.14 -1.94 14.93
C SER A 189 34.96 -1.14 13.92
N VAL A 190 36.27 -1.05 14.17
CA VAL A 190 37.21 -0.45 13.24
C VAL A 190 38.37 -1.41 13.04
N THR A 191 38.80 -1.56 11.78
CA THR A 191 39.91 -2.42 11.42
C THR A 191 40.99 -1.57 10.75
N VAL A 192 42.18 -1.57 11.34
CA VAL A 192 43.30 -0.80 10.80
C VAL A 192 44.49 -1.74 10.66
N PRO A 193 45.43 -1.42 9.79
CA PRO A 193 46.65 -2.23 9.71
C PRO A 193 47.40 -2.20 11.03
N SER A 194 48.05 -3.32 11.35
CA SER A 194 48.67 -3.48 12.65
C SER A 194 49.81 -2.51 12.91
N SER A 195 50.26 -1.77 11.89
CA SER A 195 51.31 -0.79 12.10
C SER A 195 50.73 0.50 12.69
N PRO A 196 49.67 1.05 12.09
CA PRO A 196 49.03 2.24 12.68
C PRO A 196 48.74 2.15 14.18
N ARG A 197 48.22 1.04 14.69
CA ARG A 197 48.04 0.91 16.14
C ARG A 197 48.83 -0.29 16.65
N PRO A 198 49.37 -0.23 17.88
CA PRO A 198 49.36 0.75 18.97
C PRO A 198 50.23 2.00 18.79
N SER A 199 50.88 2.15 17.64
CA SER A 199 51.79 3.27 17.48
C SER A 199 51.03 4.59 17.33
N GLU A 200 50.04 4.61 16.45
CA GLU A 200 49.26 5.82 16.17
C GLU A 200 47.87 5.68 16.78
N THR A 201 47.43 6.71 17.50
CA THR A 201 46.23 6.60 18.31
C THR A 201 44.99 6.36 17.46
N VAL A 202 44.03 5.65 18.04
CA VAL A 202 42.74 5.41 17.42
C VAL A 202 41.68 5.84 18.42
N THR A 203 40.73 6.67 17.97
CA THR A 203 39.73 7.25 18.85
C THR A 203 38.34 7.12 18.24
N CYS A 204 37.36 6.83 19.09
CA CYS A 204 35.96 6.72 18.71
CA CYS A 204 35.97 6.75 18.66
C CYS A 204 35.22 7.96 19.19
N ASN A 205 34.58 8.68 18.28
CA ASN A 205 33.83 9.89 18.60
C ASN A 205 32.35 9.54 18.67
N VAL A 206 31.78 9.63 19.87
CA VAL A 206 30.39 9.26 20.11
C VAL A 206 29.63 10.51 20.52
N ALA A 207 28.46 10.71 19.93
CA ALA A 207 27.57 11.80 20.28
C ALA A 207 26.17 11.26 20.50
N HIS A 208 25.49 11.81 21.51
CA HIS A 208 24.10 11.46 21.82
C HIS A 208 23.30 12.75 21.80
N PRO A 209 22.82 13.19 20.63
CA PRO A 209 22.16 14.50 20.55
C PRO A 209 21.09 14.73 21.60
N ALA A 210 20.33 13.71 21.96
CA ALA A 210 19.23 13.88 22.89
C ALA A 210 19.72 14.41 24.24
N SER A 211 20.83 13.86 24.75
CA SER A 211 21.41 14.30 26.01
C SER A 211 22.43 15.41 25.84
N SER A 212 22.67 15.87 24.61
CA SER A 212 23.64 16.93 24.33
C SER A 212 25.01 16.58 24.90
N THR A 213 25.46 15.37 24.59
CA THR A 213 26.73 14.85 25.07
C THR A 213 27.61 14.44 23.90
N LYS A 214 28.88 14.78 23.98
CA LYS A 214 29.90 14.30 23.06
C LYS A 214 31.03 13.66 23.87
N VAL A 215 31.55 12.55 23.37
CA VAL A 215 32.62 11.82 24.04
C VAL A 215 33.60 11.32 22.98
N ASP A 216 34.89 11.43 23.29
CA ASP A 216 35.96 10.88 22.47
C ASP A 216 36.78 9.97 23.36
N LYS A 217 36.78 8.67 23.04
CA LYS A 217 37.44 7.66 23.87
C LYS A 217 38.59 7.06 23.09
N LYS A 218 39.81 7.22 23.61
CA LYS A 218 40.99 6.66 22.98
C LYS A 218 41.12 5.18 23.31
N ILE A 219 41.44 4.38 22.31
CA ILE A 219 41.61 2.93 22.50
C ILE A 219 43.03 2.70 23.00
N VAL A 220 43.15 2.27 24.25
CA VAL A 220 44.46 2.07 24.88
C VAL A 220 44.76 0.58 24.94
N PRO A 221 45.99 0.15 24.65
CA PRO A 221 46.33 -1.27 24.83
C PRO A 221 46.29 -1.68 26.29
N ARG A 222 46.03 -2.97 26.51
CA ARG A 222 45.98 -3.52 27.86
C ARG A 222 47.34 -4.01 28.32
N SER B 1 -9.00 -13.18 8.12
CA SER B 1 -7.60 -12.75 7.85
C SER B 1 -6.95 -13.72 6.87
N ILE B 2 -6.96 -13.37 5.58
CA ILE B 2 -6.37 -14.22 4.56
C ILE B 2 -4.86 -14.22 4.72
N VAL B 3 -4.26 -15.40 4.52
CA VAL B 3 -2.82 -15.59 4.67
C VAL B 3 -2.19 -15.61 3.28
N MET B 4 -1.16 -14.79 3.10
CA MET B 4 -0.39 -14.75 1.85
C MET B 4 0.98 -15.35 2.13
N THR B 5 1.16 -16.61 1.72
CA THR B 5 2.44 -17.29 1.89
C THR B 5 3.38 -16.88 0.76
N GLN B 6 4.39 -16.09 1.09
CA GLN B 6 5.34 -15.56 0.11
C GLN B 6 6.65 -16.29 0.22
N THR B 7 7.15 -16.78 -0.92
CA THR B 7 8.39 -17.53 -0.98
C THR B 7 9.18 -17.09 -2.21
N PRO B 8 10.53 -17.09 -2.12
CA PRO B 8 11.33 -17.42 -0.94
C PRO B 8 11.45 -16.23 0.00
N LYS B 9 11.72 -16.50 1.28
CA LYS B 9 11.94 -15.40 2.22
C LYS B 9 13.27 -14.71 1.98
N PHE B 10 14.27 -15.45 1.51
CA PHE B 10 15.61 -14.92 1.30
C PHE B 10 16.13 -15.45 -0.02
N LEU B 11 16.64 -14.55 -0.86
CA LEU B 11 17.07 -14.96 -2.19
C LEU B 11 18.38 -14.29 -2.58
N PRO B 12 19.49 -15.02 -2.61
CA PRO B 12 20.72 -14.46 -3.18
C PRO B 12 20.63 -14.38 -4.69
N VAL B 13 21.11 -13.27 -5.24
CA VAL B 13 21.04 -13.03 -6.68
C VAL B 13 22.36 -12.47 -7.16
N THR B 14 22.65 -12.70 -8.44
CA THR B 14 23.72 -12.04 -9.16
C THR B 14 23.10 -11.11 -10.19
N ALA B 15 23.81 -10.02 -10.49
CA ALA B 15 23.33 -9.06 -11.47
C ALA B 15 22.87 -9.76 -12.74
N ASP B 16 21.72 -9.35 -13.25
CA ASP B 16 21.08 -9.84 -14.47
C ASP B 16 20.39 -11.19 -14.25
N ASP B 17 20.35 -11.72 -13.03
CA ASP B 17 19.60 -12.93 -12.76
C ASP B 17 18.10 -12.68 -12.92
N ARG B 18 17.37 -13.74 -13.25
CA ARG B 18 15.92 -13.69 -13.34
C ARG B 18 15.34 -14.05 -11.97
N VAL B 19 14.77 -13.06 -11.30
CA VAL B 19 14.14 -13.28 -9.99
C VAL B 19 12.69 -13.66 -10.19
N THR B 20 12.23 -14.64 -9.41
CA THR B 20 10.83 -15.07 -9.44
C THR B 20 10.37 -15.27 -8.00
N ILE B 21 9.39 -14.48 -7.60
CA ILE B 21 8.84 -14.52 -6.25
C ILE B 21 7.40 -15.03 -6.33
N THR B 22 7.05 -15.95 -5.44
CA THR B 22 5.74 -16.57 -5.43
C THR B 22 4.97 -16.12 -4.18
N CYS B 23 3.65 -16.10 -4.32
CA CYS B 23 2.77 -15.65 -3.24
C CYS B 23 1.48 -16.44 -3.38
N LYS B 24 1.22 -17.34 -2.43
CA LYS B 24 0.02 -18.17 -2.43
C LYS B 24 -0.95 -17.70 -1.37
N ALA B 25 -2.23 -17.62 -1.75
CA ALA B 25 -3.28 -17.15 -0.86
C ALA B 25 -4.01 -18.35 -0.23
N SER B 26 -4.54 -18.12 0.97
CA SER B 26 -5.23 -19.17 1.72
C SER B 26 -6.61 -19.48 1.17
N GLN B 27 -7.13 -18.68 0.25
CA GLN B 27 -8.41 -18.97 -0.37
C GLN B 27 -8.42 -18.37 -1.76
N ILE B 28 -9.47 -18.69 -2.52
CA ILE B 28 -9.54 -18.30 -3.92
C ILE B 28 -9.86 -16.81 -4.01
N LEU B 29 -9.02 -16.08 -4.74
CA LEU B 29 -9.22 -14.68 -5.04
C LEU B 29 -9.59 -14.54 -6.52
N ASN B 30 -9.79 -13.29 -6.95
CA ASN B 30 -9.89 -13.01 -8.38
C ASN B 30 -8.50 -12.66 -8.89
N ASN B 31 -8.11 -11.39 -8.75
CA ASN B 31 -6.77 -10.97 -9.14
C ASN B 31 -6.27 -9.81 -8.28
N GLU B 32 -6.88 -9.59 -7.11
CA GLU B 32 -6.58 -8.42 -6.27
C GLU B 32 -5.30 -8.68 -5.47
N VAL B 33 -4.18 -8.61 -6.18
CA VAL B 33 -2.86 -8.77 -5.56
C VAL B 33 -1.96 -7.65 -6.06
N ALA B 34 -1.32 -6.95 -5.12
CA ALA B 34 -0.37 -5.90 -5.42
C ALA B 34 1.00 -6.26 -4.88
N TRP B 35 2.03 -5.61 -5.41
CA TRP B 35 3.41 -5.88 -5.03
C TRP B 35 4.12 -4.57 -4.71
N TYR B 36 4.96 -4.60 -3.68
CA TYR B 36 5.62 -3.41 -3.16
C TYR B 36 7.11 -3.63 -3.04
N GLN B 37 7.87 -2.55 -3.20
CA GLN B 37 9.32 -2.55 -3.03
C GLN B 37 9.66 -1.66 -1.84
N GLN B 38 10.49 -2.18 -0.93
CA GLN B 38 10.94 -1.42 0.23
C GLN B 38 12.44 -1.59 0.38
N LYS B 39 13.18 -0.52 0.17
CA LYS B 39 14.61 -0.53 0.40
C LYS B 39 14.90 -0.28 1.88
N PRO B 40 16.05 -0.75 2.37
CA PRO B 40 16.37 -0.56 3.80
C PRO B 40 16.27 0.90 4.21
N GLY B 41 15.54 1.14 5.30
CA GLY B 41 15.38 2.49 5.82
C GLY B 41 14.50 3.40 4.98
N GLN B 42 13.82 2.87 3.96
CA GLN B 42 12.95 3.66 3.10
C GLN B 42 11.51 3.18 3.25
N SER B 43 10.59 3.92 2.59
CA SER B 43 9.17 3.57 2.60
C SER B 43 8.83 2.65 1.43
N PRO B 44 7.79 1.83 1.54
CA PRO B 44 7.43 0.96 0.42
C PRO B 44 6.99 1.76 -0.80
N LYS B 45 7.25 1.19 -1.97
CA LYS B 45 6.81 1.75 -3.24
C LYS B 45 5.94 0.71 -3.96
N LEU B 46 4.77 1.13 -4.42
CA LEU B 46 3.91 0.25 -5.19
C LEU B 46 4.54 -0.03 -6.56
N LEU B 47 4.53 -1.30 -6.96
CA LEU B 47 5.04 -1.71 -8.27
C LEU B 47 3.96 -2.32 -9.14
N ILE B 48 3.19 -3.27 -8.61
CA ILE B 48 2.16 -3.97 -9.36
C ILE B 48 0.85 -3.87 -8.57
N PHE B 49 -0.25 -3.76 -9.31
CA PHE B 49 -1.58 -3.82 -8.71
C PHE B 49 -2.50 -4.61 -9.64
N TYR B 50 -3.52 -5.22 -9.04
CA TYR B 50 -4.38 -6.16 -9.76
C TYR B 50 -3.55 -7.22 -10.48
N ALA B 51 -2.53 -7.73 -9.78
CA ALA B 51 -1.73 -8.87 -10.22
C ALA B 51 -0.79 -8.57 -11.37
N SER B 52 -1.25 -7.83 -12.38
CA SER B 52 -0.51 -7.70 -13.64
C SER B 52 -0.13 -6.27 -14.02
N ASN B 53 -0.79 -5.26 -13.46
CA ASN B 53 -0.65 -3.90 -13.95
C ASN B 53 0.49 -3.19 -13.24
N ARG B 54 1.44 -2.68 -14.02
CA ARG B 54 2.51 -1.87 -13.47
C ARG B 54 1.99 -0.49 -13.07
N TYR B 55 2.58 0.07 -12.04
CA TYR B 55 2.29 1.44 -11.63
C TYR B 55 3.16 2.41 -12.41
N THR B 56 2.76 3.68 -12.37
CA THR B 56 3.51 4.71 -13.08
C THR B 56 4.96 4.72 -12.66
N GLY B 57 5.86 4.75 -13.65
CA GLY B 57 7.29 4.84 -13.39
C GLY B 57 8.00 3.51 -13.24
N VAL B 58 7.27 2.41 -13.08
CA VAL B 58 7.91 1.11 -12.85
C VAL B 58 8.58 0.65 -14.13
N PRO B 59 9.85 0.25 -14.10
CA PRO B 59 10.50 -0.27 -15.32
C PRO B 59 9.82 -1.52 -15.83
N ASP B 60 10.10 -1.85 -17.09
CA ASP B 60 9.45 -2.98 -17.74
C ASP B 60 9.98 -4.32 -17.23
N ARG B 61 11.15 -4.35 -16.60
CA ARG B 61 11.69 -5.62 -16.12
C ARG B 61 10.86 -6.20 -14.96
N PHE B 62 10.05 -5.37 -14.31
CA PHE B 62 9.16 -5.84 -13.26
C PHE B 62 7.84 -6.28 -13.90
N THR B 63 7.45 -7.53 -13.66
CA THR B 63 6.19 -8.06 -14.15
C THR B 63 5.48 -8.81 -13.04
N GLY B 64 4.20 -9.04 -13.25
CA GLY B 64 3.40 -9.81 -12.31
C GLY B 64 2.29 -10.53 -13.05
N SER B 65 1.93 -11.70 -12.54
CA SER B 65 0.84 -12.47 -13.11
C SER B 65 0.25 -13.35 -12.02
N GLY B 66 -0.83 -14.03 -12.36
CA GLY B 66 -1.50 -14.94 -11.45
C GLY B 66 -2.98 -14.58 -11.26
N SER B 67 -3.67 -15.52 -10.63
CA SER B 67 -5.11 -15.40 -10.39
C SER B 67 -5.51 -16.53 -9.47
N GLY B 68 -6.62 -16.33 -8.76
CA GLY B 68 -7.10 -17.34 -7.85
C GLY B 68 -6.26 -17.45 -6.60
N THR B 69 -5.40 -18.47 -6.52
CA THR B 69 -4.59 -18.72 -5.34
C THR B 69 -3.10 -18.51 -5.55
N ASP B 70 -2.61 -18.58 -6.79
CA ASP B 70 -1.19 -18.52 -7.07
C ASP B 70 -0.88 -17.24 -7.83
N PHE B 71 0.12 -16.49 -7.34
CA PHE B 71 0.55 -15.24 -7.95
C PHE B 71 2.07 -15.20 -7.96
N THR B 72 2.64 -14.67 -9.05
CA THR B 72 4.08 -14.62 -9.22
C THR B 72 4.51 -13.23 -9.63
N PHE B 73 5.66 -12.81 -9.09
CA PHE B 73 6.27 -11.52 -9.40
C PHE B 73 7.67 -11.79 -9.91
N THR B 74 7.98 -11.27 -11.10
CA THR B 74 9.22 -11.61 -11.79
C THR B 74 10.01 -10.35 -12.09
N ILE B 75 11.33 -10.46 -11.96
CA ILE B 75 12.27 -9.46 -12.46
C ILE B 75 13.08 -10.13 -13.57
N SER B 76 12.94 -9.62 -14.79
CA SER B 76 13.60 -10.24 -15.93
C SER B 76 15.11 -10.30 -15.74
N SER B 77 15.70 -9.20 -15.29
CA SER B 77 17.15 -9.13 -15.06
C SER B 77 17.39 -8.18 -13.90
N VAL B 78 17.62 -8.74 -12.71
CA VAL B 78 17.75 -7.92 -11.52
C VAL B 78 18.92 -6.95 -11.68
N GLN B 79 18.72 -5.73 -11.20
CA GLN B 79 19.76 -4.70 -11.17
C GLN B 79 20.16 -4.41 -9.73
N VAL B 80 21.30 -3.75 -9.56
CA VAL B 80 21.78 -3.43 -8.22
C VAL B 80 20.79 -2.50 -7.51
N GLU B 81 20.18 -1.58 -8.25
CA GLU B 81 19.19 -0.68 -7.66
C GLU B 81 17.90 -1.39 -7.29
N ASP B 82 17.76 -2.67 -7.66
CA ASP B 82 16.58 -3.45 -7.29
C ASP B 82 16.76 -4.22 -5.98
N LEU B 83 17.96 -4.23 -5.42
CA LEU B 83 18.19 -4.92 -4.15
C LEU B 83 17.32 -4.31 -3.07
N ALA B 84 16.41 -5.12 -2.52
CA ALA B 84 15.47 -4.64 -1.51
C ALA B 84 14.58 -5.78 -1.02
N VAL B 85 13.58 -5.44 -0.22
CA VAL B 85 12.57 -6.39 0.23
C VAL B 85 11.30 -6.18 -0.59
N TYR B 86 10.65 -7.28 -0.96
CA TYR B 86 9.46 -7.25 -1.80
C TYR B 86 8.31 -7.93 -1.07
N PHE B 87 7.15 -7.26 -1.06
CA PHE B 87 5.96 -7.76 -0.40
C PHE B 87 4.83 -7.92 -1.42
N CYS B 88 4.10 -9.02 -1.32
CA CYS B 88 2.80 -9.09 -1.96
C CYS B 88 1.73 -8.62 -0.97
N GLN B 89 0.61 -8.19 -1.53
CA GLN B 89 -0.53 -7.78 -0.73
C GLN B 89 -1.80 -8.17 -1.46
N GLN B 90 -2.80 -8.59 -0.70
CA GLN B 90 -4.11 -8.93 -1.24
C GLN B 90 -5.08 -7.79 -0.94
N HIS B 91 -5.69 -7.24 -1.99
CA HIS B 91 -6.73 -6.23 -1.81
C HIS B 91 -8.07 -6.79 -2.26
N TYR B 92 -8.43 -7.96 -1.72
CA TYR B 92 -9.66 -8.65 -2.07
C TYR B 92 -10.75 -8.48 -1.01
N SER B 93 -10.42 -8.69 0.26
CA SER B 93 -11.39 -8.53 1.34
C SER B 93 -10.67 -8.07 2.59
N SER B 94 -11.43 -7.44 3.49
CA SER B 94 -10.88 -6.95 4.74
C SER B 94 -10.85 -8.07 5.78
N PRO B 95 -9.83 -8.08 6.66
CA PRO B 95 -8.68 -7.18 6.70
C PRO B 95 -7.66 -7.50 5.63
N TYR B 96 -7.05 -6.46 5.07
CA TYR B 96 -6.11 -6.63 3.96
C TYR B 96 -4.73 -6.97 4.52
N THR B 97 -4.11 -8.00 3.94
CA THR B 97 -2.95 -8.64 4.54
C THR B 97 -1.81 -8.72 3.54
N PHE B 98 -0.59 -8.60 4.03
CA PHE B 98 0.61 -8.64 3.22
C PHE B 98 1.31 -9.97 3.36
N GLY B 99 2.22 -10.25 2.42
CA GLY B 99 3.04 -11.43 2.50
C GLY B 99 4.19 -11.25 3.48
N GLY B 100 4.85 -12.38 3.76
CA GLY B 100 5.97 -12.35 4.69
C GLY B 100 7.14 -11.51 4.20
N GLY B 101 7.30 -11.41 2.89
CA GLY B 101 8.37 -10.64 2.30
C GLY B 101 9.41 -11.52 1.65
N THR B 102 10.20 -10.90 0.77
CA THR B 102 11.30 -11.56 0.07
C THR B 102 12.47 -10.59 0.02
N LYS B 103 13.57 -10.93 0.69
CA LYS B 103 14.74 -10.08 0.76
C LYS B 103 15.80 -10.57 -0.22
N LEU B 104 16.28 -9.67 -1.07
CA LEU B 104 17.35 -9.98 -2.00
C LEU B 104 18.70 -9.62 -1.39
N GLU B 105 19.73 -10.36 -1.79
CA GLU B 105 21.09 -10.05 -1.41
C GLU B 105 22.01 -10.31 -2.61
N VAL B 106 23.18 -9.68 -2.57
CA VAL B 106 24.19 -9.89 -3.61
C VAL B 106 24.89 -11.21 -3.33
N LYS B 107 24.84 -12.12 -4.30
CA LYS B 107 25.57 -13.38 -4.16
C LYS B 107 27.06 -13.10 -4.09
N ARG B 108 27.77 -13.93 -3.33
CA ARG B 108 29.17 -13.68 -3.02
C ARG B 108 29.86 -14.99 -2.70
N ALA B 109 31.17 -15.01 -2.90
CA ALA B 109 31.97 -16.15 -2.47
C ALA B 109 31.98 -16.25 -0.96
N ASP B 110 32.05 -17.49 -0.47
CA ASP B 110 32.04 -17.73 0.97
C ASP B 110 33.25 -17.07 1.62
N ALA B 111 33.05 -16.57 2.84
CA ALA B 111 34.12 -15.93 3.61
C ALA B 111 33.94 -16.28 5.08
N ALA B 112 35.04 -16.68 5.71
CA ALA B 112 34.98 -17.04 7.12
C ALA B 112 34.97 -15.78 7.98
N PRO B 113 34.35 -15.83 9.16
CA PRO B 113 34.29 -14.64 10.02
C PRO B 113 35.61 -14.41 10.74
N THR B 114 36.11 -13.18 10.66
CA THR B 114 37.25 -12.75 11.45
C THR B 114 36.77 -12.48 12.88
N VAL B 115 37.14 -13.34 13.81
CA VAL B 115 36.62 -13.29 15.18
C VAL B 115 37.61 -12.52 16.05
N SER B 116 37.08 -11.64 16.89
CA SER B 116 37.89 -10.86 17.82
C SER B 116 37.14 -10.74 19.13
N ILE B 117 37.82 -11.04 20.23
CA ILE B 117 37.23 -10.98 21.57
C ILE B 117 37.91 -9.84 22.33
N PHE B 118 37.10 -9.08 23.08
CA PHE B 118 37.58 -7.91 23.81
C PHE B 118 37.19 -8.05 25.27
N PRO B 119 38.13 -8.00 26.21
CA PRO B 119 37.77 -8.10 27.62
C PRO B 119 37.14 -6.82 28.12
N PRO B 120 36.57 -6.84 29.33
CA PRO B 120 36.01 -5.61 29.89
C PRO B 120 37.07 -4.54 30.05
N SER B 121 36.70 -3.30 29.75
CA SER B 121 37.64 -2.19 29.86
C SER B 121 37.83 -1.82 31.33
N SER B 122 38.93 -1.12 31.60
CA SER B 122 39.16 -0.61 32.94
C SER B 122 38.10 0.40 33.33
N GLU B 123 37.68 1.24 32.37
CA GLU B 123 36.65 2.23 32.65
C GLU B 123 35.36 1.56 33.12
N GLN B 124 34.92 0.51 32.40
CA GLN B 124 33.66 -0.11 32.75
C GLN B 124 33.71 -0.77 34.11
N LEU B 125 34.85 -1.36 34.47
CA LEU B 125 34.97 -2.02 35.76
C LEU B 125 34.84 -1.05 36.92
N THR B 126 35.01 0.26 36.68
CA THR B 126 34.78 1.24 37.73
C THR B 126 33.30 1.49 37.97
N SER B 127 32.42 0.74 37.33
CA SER B 127 30.97 0.86 37.54
C SER B 127 30.36 -0.43 38.07
N GLY B 128 31.17 -1.40 38.46
CA GLY B 128 30.65 -2.67 38.91
C GLY B 128 30.10 -3.56 37.82
N GLY B 129 30.36 -3.23 36.57
CA GLY B 129 29.91 -4.03 35.44
C GLY B 129 31.06 -4.50 34.58
N ALA B 130 30.83 -5.54 33.79
CA ALA B 130 31.87 -6.08 32.92
C ALA B 130 31.20 -6.67 31.68
N SER B 131 31.57 -6.16 30.51
CA SER B 131 31.02 -6.61 29.24
C SER B 131 32.14 -7.21 28.40
N VAL B 132 32.00 -8.48 28.05
CA VAL B 132 32.91 -9.13 27.11
C VAL B 132 32.28 -9.06 25.73
N VAL B 133 33.02 -8.54 24.76
CA VAL B 133 32.52 -8.29 23.42
C VAL B 133 33.23 -9.24 22.45
N CYS B 134 32.48 -9.73 21.47
CA CYS B 134 32.99 -10.63 20.44
C CYS B 134 32.49 -10.15 19.10
N PHE B 135 33.41 -9.83 18.19
CA PHE B 135 33.07 -9.40 16.83
C PHE B 135 33.26 -10.57 15.88
N LEU B 136 32.28 -10.78 15.01
CA LEU B 136 32.35 -11.77 13.93
C LEU B 136 32.16 -10.99 12.64
N ASN B 137 33.26 -10.53 12.05
CA ASN B 137 33.23 -9.56 10.97
C ASN B 137 33.48 -10.19 9.62
N ASN B 138 32.71 -9.76 8.62
CA ASN B 138 32.99 -10.01 7.21
C ASN B 138 32.98 -11.51 6.89
N PHE B 139 31.78 -12.08 6.94
CA PHE B 139 31.57 -13.48 6.60
C PHE B 139 30.41 -13.59 5.63
N TYR B 140 30.39 -14.70 4.89
CA TYR B 140 29.32 -14.98 3.94
C TYR B 140 29.20 -16.49 3.83
N PRO B 141 27.98 -17.05 3.85
CA PRO B 141 26.68 -16.38 3.94
C PRO B 141 26.34 -15.86 5.34
N LYS B 142 25.14 -15.32 5.50
CA LYS B 142 24.76 -14.67 6.74
C LYS B 142 24.62 -15.66 7.90
N ASP B 143 24.20 -16.88 7.60
CA ASP B 143 23.91 -17.85 8.66
C ASP B 143 25.15 -18.11 9.51
N ILE B 144 25.01 -17.92 10.82
CA ILE B 144 26.12 -18.10 11.74
C ILE B 144 25.56 -18.29 13.14
N ASN B 145 26.31 -18.99 13.98
CA ASN B 145 25.96 -19.19 15.38
C ASN B 145 27.14 -18.83 16.25
N VAL B 146 26.87 -18.22 17.39
CA VAL B 146 27.89 -17.82 18.36
C VAL B 146 27.56 -18.46 19.70
N LYS B 147 28.57 -19.05 20.33
CA LYS B 147 28.42 -19.70 21.62
C LYS B 147 29.43 -19.12 22.59
N TRP B 148 28.99 -18.88 23.83
CA TRP B 148 29.87 -18.38 24.88
C TRP B 148 30.17 -19.49 25.87
N LYS B 149 31.34 -19.37 26.52
CA LYS B 149 31.76 -20.33 27.53
C LYS B 149 32.57 -19.60 28.59
N ILE B 150 32.18 -19.78 29.85
CA ILE B 150 32.93 -19.28 30.99
C ILE B 150 33.61 -20.48 31.64
N ASP B 151 34.94 -20.48 31.63
CA ASP B 151 35.71 -21.62 32.13
C ASP B 151 35.22 -22.91 31.50
N GLY B 152 34.93 -22.85 30.20
CA GLY B 152 34.45 -24.00 29.46
C GLY B 152 32.99 -24.33 29.66
N SER B 153 32.29 -23.61 30.53
CA SER B 153 30.88 -23.87 30.79
C SER B 153 30.03 -22.96 29.91
N GLU B 154 29.15 -23.55 29.11
CA GLU B 154 28.33 -22.77 28.19
C GLU B 154 27.49 -21.76 28.94
N ARG B 155 27.37 -20.56 28.38
CA ARG B 155 26.68 -19.44 28.99
C ARG B 155 25.58 -18.94 28.06
N GLN B 156 24.36 -18.87 28.58
CA GLN B 156 23.20 -18.43 27.80
C GLN B 156 22.71 -17.05 28.23
N ASN B 157 22.28 -16.91 29.48
CA ASN B 157 21.73 -15.64 29.95
C ASN B 157 22.80 -14.56 29.98
N GLY B 158 22.38 -13.33 29.70
CA GLY B 158 23.27 -12.19 29.67
C GLY B 158 23.98 -11.97 28.35
N VAL B 159 23.57 -12.66 27.28
CA VAL B 159 24.20 -12.55 25.98
C VAL B 159 23.23 -11.87 25.03
N LEU B 160 23.64 -10.71 24.50
CA LEU B 160 22.86 -9.97 23.52
C LEU B 160 23.64 -9.93 22.21
N ASN B 161 22.92 -10.11 21.11
CA ASN B 161 23.52 -10.17 19.79
C ASN B 161 22.97 -9.07 18.89
N SER B 162 23.73 -8.75 17.85
CA SER B 162 23.31 -7.73 16.88
C SER B 162 23.97 -8.03 15.54
N TRP B 163 23.19 -7.90 14.47
CA TRP B 163 23.65 -8.22 13.12
C TRP B 163 23.58 -6.98 12.24
N THR B 164 24.63 -6.78 11.44
CA THR B 164 24.58 -5.76 10.41
C THR B 164 23.89 -6.30 9.17
N ASP B 165 23.43 -5.39 8.32
CA ASP B 165 22.94 -5.77 7.01
C ASP B 165 24.12 -6.07 6.10
N GLN B 166 23.82 -6.54 4.88
CA GLN B 166 24.89 -6.84 3.93
C GLN B 166 25.66 -5.57 3.59
N ASP B 167 26.97 -5.61 3.79
CA ASP B 167 27.80 -4.45 3.51
C ASP B 167 27.74 -4.11 2.02
N SER B 168 27.60 -2.82 1.72
CA SER B 168 27.44 -2.39 0.34
C SER B 168 28.70 -2.65 -0.50
N LYS B 169 29.87 -2.69 0.14
CA LYS B 169 31.13 -2.84 -0.59
C LYS B 169 31.44 -4.32 -0.81
N ASP B 170 31.88 -5.01 0.25
CA ASP B 170 32.33 -6.39 0.13
C ASP B 170 31.20 -7.40 0.22
N SER B 171 29.94 -6.95 0.36
CA SER B 171 28.78 -7.83 0.36
C SER B 171 28.86 -8.89 1.44
N THR B 172 29.47 -8.56 2.58
CA THR B 172 29.60 -9.49 3.69
C THR B 172 28.63 -9.12 4.80
N TYR B 173 28.60 -9.97 5.83
CA TYR B 173 27.80 -9.75 7.01
C TYR B 173 28.70 -9.72 8.24
N SER B 174 28.23 -9.05 9.28
CA SER B 174 28.98 -8.96 10.53
C SER B 174 28.01 -9.08 11.69
N MET B 175 28.55 -9.53 12.83
CA MET B 175 27.76 -9.78 14.02
C MET B 175 28.58 -9.40 15.24
N SER B 176 27.89 -9.00 16.30
CA SER B 176 28.52 -8.71 17.58
C SER B 176 27.73 -9.41 18.67
N SER B 177 28.44 -10.17 19.50
CA SER B 177 27.85 -10.82 20.67
C SER B 177 28.51 -10.22 21.90
N THR B 178 27.69 -9.86 22.89
CA THR B 178 28.15 -9.18 24.09
C THR B 178 27.64 -9.92 25.32
N LEU B 179 28.56 -10.51 26.06
CA LEU B 179 28.25 -11.10 27.36
C LEU B 179 28.48 -10.04 28.44
N THR B 180 27.43 -9.70 29.17
CA THR B 180 27.48 -8.66 30.19
C THR B 180 27.30 -9.30 31.56
N LEU B 181 28.30 -9.15 32.41
CA LEU B 181 28.27 -9.68 33.77
C LEU B 181 28.45 -8.53 34.77
N THR B 182 28.30 -8.87 36.04
CA THR B 182 28.70 -7.96 37.10
C THR B 182 30.20 -8.12 37.35
N LYS B 183 30.82 -7.04 37.82
CA LYS B 183 32.24 -7.10 38.16
C LYS B 183 32.51 -8.23 39.15
N ASP B 184 31.54 -8.52 40.04
CA ASP B 184 31.72 -9.59 41.01
C ASP B 184 31.88 -10.93 40.32
N GLU B 185 30.87 -11.33 39.53
CA GLU B 185 30.93 -12.63 38.88
C GLU B 185 32.05 -12.69 37.84
N TYR B 186 32.34 -11.57 37.17
CA TYR B 186 33.43 -11.57 36.20
C TYR B 186 34.76 -11.94 36.85
N GLU B 187 34.92 -11.65 38.13
CA GLU B 187 36.14 -11.97 38.85
C GLU B 187 36.10 -13.34 39.52
N ARG B 188 35.00 -14.08 39.37
CA ARG B 188 34.90 -15.45 39.88
C ARG B 188 35.39 -16.47 38.87
N HIS B 189 35.76 -16.06 37.67
CA HIS B 189 36.13 -16.98 36.60
C HIS B 189 37.36 -16.44 35.88
N ASN B 190 38.02 -17.33 35.14
CA ASN B 190 39.32 -17.03 34.55
C ASN B 190 39.24 -16.84 33.04
N SER B 191 38.87 -17.88 32.30
CA SER B 191 38.85 -17.82 30.85
C SER B 191 37.45 -17.47 30.33
N TYR B 192 37.43 -16.72 29.24
CA TYR B 192 36.20 -16.35 28.56
C TYR B 192 36.37 -16.60 27.06
N THR B 193 35.36 -17.20 26.45
CA THR B 193 35.47 -17.72 25.10
C THR B 193 34.18 -17.47 24.32
N CYS B 194 34.32 -17.02 23.08
CA CYS B 194 33.23 -17.01 22.11
C CYS B 194 33.63 -17.90 20.95
N GLU B 195 32.72 -18.78 20.54
CA GLU B 195 32.97 -19.73 19.46
C GLU B 195 32.01 -19.44 18.31
N ALA B 196 32.57 -19.27 17.12
CA ALA B 196 31.80 -18.95 15.92
C ALA B 196 31.65 -20.21 15.07
N THR B 197 30.41 -20.57 14.78
CA THR B 197 30.09 -21.72 13.93
C THR B 197 29.57 -21.20 12.59
N HIS B 198 30.32 -21.46 11.54
CA HIS B 198 29.97 -21.00 10.20
C HIS B 198 30.19 -22.14 9.22
N LYS B 199 29.47 -22.07 8.09
CA LYS B 199 29.56 -23.16 7.12
C LYS B 199 30.94 -23.26 6.48
N THR B 200 31.75 -22.20 6.56
CA THR B 200 33.08 -22.24 5.98
C THR B 200 34.04 -23.12 6.75
N SER B 201 33.63 -23.64 7.91
CA SER B 201 34.50 -24.48 8.73
C SER B 201 33.64 -25.47 9.50
N THR B 202 34.06 -26.73 9.50
CA THR B 202 33.35 -27.75 10.26
C THR B 202 33.62 -27.64 11.75
N SER B 203 34.77 -27.09 12.14
CA SER B 203 35.09 -26.85 13.54
C SER B 203 34.96 -25.37 13.86
N PRO B 204 34.41 -24.99 15.01
CA PRO B 204 34.17 -23.57 15.28
C PRO B 204 35.46 -22.78 15.35
N ILE B 205 35.36 -21.48 15.06
CA ILE B 205 36.45 -20.54 15.26
C ILE B 205 36.37 -20.06 16.70
N VAL B 206 37.46 -20.24 17.45
CA VAL B 206 37.48 -19.98 18.88
C VAL B 206 38.43 -18.83 19.17
N LYS B 207 37.99 -17.92 20.04
CA LYS B 207 38.83 -16.86 20.58
C LYS B 207 38.61 -16.79 22.08
N SER B 208 39.70 -16.56 22.82
CA SER B 208 39.63 -16.58 24.28
C SER B 208 40.63 -15.60 24.86
N PHE B 209 40.39 -15.24 26.12
CA PHE B 209 41.35 -14.48 26.90
C PHE B 209 41.23 -14.93 28.35
N ASN B 210 42.32 -14.74 29.10
CA ASN B 210 42.36 -15.06 30.52
C ASN B 210 42.38 -13.77 31.32
N ARG B 211 41.42 -13.66 32.26
CA ARG B 211 41.29 -12.43 33.05
C ARG B 211 42.58 -12.07 33.78
N ASN B 212 43.45 -13.05 34.05
CA ASN B 212 44.69 -12.79 34.76
C ASN B 212 45.78 -12.30 33.82
N GLN C 3 -9.12 14.48 -18.66
CA GLN C 3 -10.48 14.40 -19.29
C GLN C 3 -10.88 12.96 -19.53
N VAL C 4 -12.01 12.56 -18.95
CA VAL C 4 -12.51 11.19 -19.08
C VAL C 4 -13.14 11.03 -20.45
N GLN C 5 -12.77 9.97 -21.15
CA GLN C 5 -13.28 9.70 -22.49
C GLN C 5 -13.53 8.21 -22.66
N LEU C 6 -14.67 7.87 -23.24
CA LEU C 6 -14.96 6.51 -23.70
C LEU C 6 -15.14 6.56 -25.20
N VAL C 7 -14.25 5.91 -25.93
CA VAL C 7 -14.25 5.91 -27.39
C VAL C 7 -14.63 4.51 -27.85
N GLN C 8 -15.80 4.40 -28.45
CA GLN C 8 -16.31 3.11 -28.91
C GLN C 8 -15.91 2.85 -30.35
N SER C 9 -16.07 1.61 -30.78
CA SER C 9 -15.75 1.21 -32.14
C SER C 9 -16.84 1.68 -33.10
N GLY C 10 -16.57 1.52 -34.39
CA GLY C 10 -17.45 2.04 -35.42
C GLY C 10 -18.69 1.18 -35.63
N ALA C 11 -19.59 1.72 -36.46
CA ALA C 11 -20.86 1.05 -36.73
C ALA C 11 -20.63 -0.31 -37.36
N GLU C 12 -21.64 -1.16 -37.25
CA GLU C 12 -21.57 -2.53 -37.74
C GLU C 12 -22.87 -2.86 -38.47
N VAL C 13 -22.75 -3.71 -39.49
CA VAL C 13 -23.90 -4.22 -40.25
C VAL C 13 -23.71 -5.73 -40.33
N LYS C 14 -24.60 -6.47 -39.69
CA LYS C 14 -24.48 -7.93 -39.59
C LYS C 14 -25.73 -8.59 -40.17
N LYS C 15 -25.56 -9.84 -40.58
CA LYS C 15 -26.70 -10.64 -41.00
C LYS C 15 -27.25 -11.42 -39.82
N PRO C 16 -28.52 -11.81 -39.86
CA PRO C 16 -29.09 -12.60 -38.76
C PRO C 16 -28.27 -13.86 -38.51
N GLY C 17 -28.03 -14.15 -37.23
CA GLY C 17 -27.27 -15.30 -36.82
C GLY C 17 -25.82 -14.99 -36.49
N ALA C 18 -25.26 -13.94 -37.08
CA ALA C 18 -23.88 -13.56 -36.82
C ALA C 18 -23.75 -13.01 -35.41
N SER C 19 -22.53 -12.62 -35.05
CA SER C 19 -22.24 -11.99 -33.77
C SER C 19 -21.49 -10.69 -34.01
N VAL C 20 -21.45 -9.85 -32.98
CA VAL C 20 -20.80 -8.55 -33.06
C VAL C 20 -20.09 -8.28 -31.75
N LYS C 21 -18.89 -7.70 -31.83
CA LYS C 21 -18.12 -7.33 -30.65
C LYS C 21 -17.82 -5.84 -30.73
N VAL C 22 -18.29 -5.10 -29.72
CA VAL C 22 -18.07 -3.67 -29.63
C VAL C 22 -17.00 -3.40 -28.59
N SER C 23 -16.13 -2.44 -28.85
CA SER C 23 -15.07 -2.07 -27.94
C SER C 23 -15.35 -0.71 -27.32
N CYS C 24 -14.63 -0.42 -26.22
CA CYS C 24 -14.84 0.81 -25.47
C CYS C 24 -13.50 1.20 -24.85
N LYS C 25 -12.72 1.98 -25.59
CA LYS C 25 -11.42 2.44 -25.13
C LYS C 25 -11.63 3.57 -24.12
N ALA C 26 -11.13 3.38 -22.90
CA ALA C 26 -11.29 4.35 -21.82
C ALA C 26 -9.97 5.08 -21.59
N SER C 27 -10.07 6.37 -21.29
CA SER C 27 -8.89 7.19 -21.04
C SER C 27 -9.26 8.31 -20.07
N GLY C 28 -8.25 8.80 -19.35
CA GLY C 28 -8.42 9.91 -18.43
C GLY C 28 -8.66 9.53 -16.99
N TYR C 29 -8.55 8.25 -16.65
CA TYR C 29 -8.77 7.80 -15.27
C TYR C 29 -8.18 6.41 -15.14
N THR C 30 -8.12 5.93 -13.89
CA THR C 30 -7.60 4.59 -13.61
C THR C 30 -8.66 3.58 -14.05
N PHE C 31 -8.40 2.93 -15.19
CA PHE C 31 -9.38 2.03 -15.79
C PHE C 31 -9.85 0.98 -14.79
N THR C 32 -8.91 0.35 -14.07
CA THR C 32 -9.22 -0.78 -13.22
C THR C 32 -9.96 -0.41 -11.95
N SER C 33 -10.10 0.87 -11.64
CA SER C 33 -10.73 1.30 -10.39
C SER C 33 -12.23 1.52 -10.51
N TYR C 34 -12.81 1.29 -11.68
CA TYR C 34 -14.21 1.59 -11.92
C TYR C 34 -14.92 0.39 -12.53
N ALA C 35 -16.24 0.35 -12.32
CA ALA C 35 -17.12 -0.55 -13.04
C ALA C 35 -17.66 0.15 -14.29
N MET C 36 -18.20 -0.65 -15.21
CA MET C 36 -18.69 -0.13 -16.48
C MET C 36 -19.99 -0.81 -16.86
N HIS C 37 -20.93 -0.03 -17.37
CA HIS C 37 -22.22 -0.54 -17.84
C HIS C 37 -22.23 -0.64 -19.35
N TRP C 38 -23.13 -1.48 -19.85
CA TRP C 38 -23.42 -1.57 -21.28
C TRP C 38 -24.92 -1.43 -21.48
N VAL C 39 -25.31 -0.50 -22.35
CA VAL C 39 -26.70 -0.16 -22.57
C VAL C 39 -26.95 -0.08 -24.07
N ARG C 40 -28.14 -0.48 -24.49
CA ARG C 40 -28.55 -0.37 -25.89
C ARG C 40 -29.88 0.36 -25.97
N GLN C 41 -30.19 0.84 -27.19
CA GLN C 41 -31.44 1.55 -27.44
C GLN C 41 -31.85 1.27 -28.87
N ALA C 42 -32.90 0.47 -29.04
CA ALA C 42 -33.41 0.15 -30.36
C ALA C 42 -34.18 1.34 -30.93
N PRO C 43 -34.39 1.36 -32.25
CA PRO C 43 -35.06 2.52 -32.86
C PRO C 43 -36.37 2.87 -32.18
N GLY C 44 -36.44 4.10 -31.65
CA GLY C 44 -37.64 4.58 -30.99
C GLY C 44 -38.07 3.72 -29.82
N GLN C 45 -37.11 3.35 -28.96
CA GLN C 45 -37.39 2.49 -27.83
C GLN C 45 -36.67 3.03 -26.60
N ARG C 46 -36.87 2.35 -25.48
CA ARG C 46 -36.31 2.77 -24.20
C ARG C 46 -34.80 2.52 -24.18
N LEU C 47 -34.14 3.09 -23.18
CA LEU C 47 -32.81 2.64 -22.82
C LEU C 47 -32.93 1.30 -22.11
N GLU C 48 -32.08 0.34 -22.49
CA GLU C 48 -32.18 -1.02 -21.99
C GLU C 48 -30.82 -1.45 -21.43
N TRP C 49 -30.80 -1.82 -20.16
CA TRP C 49 -29.58 -2.29 -19.51
C TRP C 49 -29.26 -3.70 -19.97
N MET C 50 -27.96 -3.98 -20.13
CA MET C 50 -27.49 -5.28 -20.59
C MET C 50 -26.54 -5.97 -19.63
N GLY C 51 -25.72 -5.23 -18.90
CA GLY C 51 -24.78 -5.84 -17.99
C GLY C 51 -23.67 -4.88 -17.63
N TRP C 52 -23.05 -5.14 -16.48
CA TRP C 52 -21.88 -4.40 -16.06
C TRP C 52 -20.71 -5.34 -15.82
N ILE C 53 -19.50 -4.77 -15.85
CA ILE C 53 -18.28 -5.51 -15.61
C ILE C 53 -17.40 -4.69 -14.69
N ASN C 54 -16.77 -5.36 -13.73
CA ASN C 54 -15.77 -4.74 -12.87
C ASN C 54 -14.45 -4.70 -13.65
N ALA C 55 -14.06 -3.50 -14.10
CA ALA C 55 -12.84 -3.38 -14.88
C ALA C 55 -11.62 -3.90 -14.14
N GLY C 56 -11.68 -3.97 -12.81
CA GLY C 56 -10.59 -4.51 -12.03
C GLY C 56 -10.51 -6.03 -12.11
N ASN C 57 -11.38 -6.73 -11.39
CA ASN C 57 -11.28 -8.18 -11.29
C ASN C 57 -11.95 -8.90 -12.46
N GLY C 58 -12.87 -8.25 -13.17
CA GLY C 58 -13.51 -8.84 -14.33
C GLY C 58 -14.86 -9.48 -14.07
N ASN C 59 -15.33 -9.48 -12.83
CA ASN C 59 -16.65 -10.04 -12.55
C ASN C 59 -17.70 -9.28 -13.35
N THR C 60 -18.68 -10.03 -13.86
CA THR C 60 -19.74 -9.47 -14.69
C THR C 60 -21.09 -9.84 -14.13
N LYS C 61 -22.06 -8.97 -14.34
CA LYS C 61 -23.47 -9.26 -14.08
C LYS C 61 -24.27 -8.90 -15.33
N TYR C 62 -25.04 -9.86 -15.83
CA TYR C 62 -25.78 -9.70 -17.07
C TYR C 62 -27.27 -9.60 -16.80
N SER C 63 -27.97 -8.92 -17.71
CA SER C 63 -29.43 -8.93 -17.70
C SER C 63 -29.92 -10.33 -18.11
N GLN C 64 -31.06 -10.71 -17.54
CA GLN C 64 -31.63 -12.03 -17.85
C GLN C 64 -32.27 -12.09 -19.23
N LYS C 65 -32.58 -10.93 -19.83
CA LYS C 65 -33.02 -10.91 -21.22
C LYS C 65 -31.89 -11.20 -22.19
N PHE C 66 -30.64 -11.22 -21.71
CA PHE C 66 -29.49 -11.38 -22.56
C PHE C 66 -28.53 -12.47 -22.10
N GLN C 67 -28.82 -13.14 -20.99
CA GLN C 67 -27.94 -14.20 -20.51
C GLN C 67 -27.74 -15.24 -21.61
N GLY C 68 -26.50 -15.69 -21.76
CA GLY C 68 -26.12 -16.64 -22.78
C GLY C 68 -25.66 -16.01 -24.08
N ARG C 69 -26.25 -14.88 -24.47
CA ARG C 69 -25.88 -14.22 -25.72
C ARG C 69 -24.84 -13.14 -25.55
N VAL C 70 -24.85 -12.43 -24.43
CA VAL C 70 -23.92 -11.31 -24.20
C VAL C 70 -22.70 -11.83 -23.45
N THR C 71 -21.55 -11.25 -23.78
CA THR C 71 -20.30 -11.54 -23.10
C THR C 71 -19.54 -10.23 -22.95
N ILE C 72 -19.34 -9.80 -21.71
CA ILE C 72 -18.62 -8.55 -21.42
C ILE C 72 -17.26 -8.93 -20.87
N THR C 73 -16.20 -8.43 -21.53
CA THR C 73 -14.83 -8.70 -21.13
C THR C 73 -14.06 -7.40 -21.02
N ARG C 74 -12.85 -7.48 -20.47
CA ARG C 74 -11.99 -6.33 -20.25
C ARG C 74 -10.57 -6.67 -20.67
N ASP C 75 -9.78 -5.62 -20.91
CA ASP C 75 -8.36 -5.76 -21.25
C ASP C 75 -7.63 -4.64 -20.52
N THR C 76 -7.15 -4.94 -19.31
CA THR C 76 -6.54 -3.91 -18.47
C THR C 76 -5.34 -3.28 -19.16
N SER C 77 -4.54 -4.09 -19.84
CA SER C 77 -3.37 -3.56 -20.54
C SER C 77 -3.77 -2.53 -21.60
N ALA C 78 -4.96 -2.67 -22.18
CA ALA C 78 -5.43 -1.75 -23.21
C ALA C 78 -6.49 -0.79 -22.70
N SER C 79 -6.91 -0.89 -21.44
CA SER C 79 -7.94 -0.03 -20.88
C SER C 79 -9.17 0.01 -21.80
N THR C 80 -9.60 -1.18 -22.21
CA THR C 80 -10.71 -1.33 -23.14
C THR C 80 -11.67 -2.38 -22.62
N ALA C 81 -12.95 -2.08 -22.65
CA ALA C 81 -14.01 -3.05 -22.39
C ALA C 81 -14.59 -3.53 -23.71
N TYR C 82 -15.24 -4.69 -23.66
CA TYR C 82 -15.80 -5.30 -24.85
C TYR C 82 -17.17 -5.87 -24.52
N MET C 83 -18.05 -5.89 -25.53
CA MET C 83 -19.38 -6.48 -25.42
C MET C 83 -19.64 -7.26 -26.68
N GLU C 84 -19.82 -8.58 -26.54
CA GLU C 84 -20.09 -9.46 -27.67
C GLU C 84 -21.51 -9.99 -27.58
N LEU C 85 -22.27 -9.83 -28.67
CA LEU C 85 -23.64 -10.30 -28.75
C LEU C 85 -23.74 -11.31 -29.87
N SER C 86 -24.14 -12.53 -29.54
CA SER C 86 -24.18 -13.64 -30.49
C SER C 86 -25.59 -13.86 -31.02
N SER C 87 -25.68 -14.70 -32.05
CA SER C 87 -26.94 -15.05 -32.69
C SER C 87 -27.84 -13.83 -32.84
N LEU C 88 -27.44 -12.89 -33.68
CA LEU C 88 -28.13 -11.62 -33.80
C LEU C 88 -29.43 -11.76 -34.59
N ARG C 89 -30.44 -10.99 -34.18
N ARG C 89 -30.43 -10.99 -34.17
CA ARG C 89 -31.70 -10.93 -34.89
CA ARG C 89 -31.73 -10.92 -34.81
C ARG C 89 -32.07 -9.47 -35.12
C ARG C 89 -32.03 -9.47 -35.17
N SER C 90 -33.14 -9.26 -35.88
CA SER C 90 -33.54 -7.91 -36.25
C SER C 90 -33.76 -7.05 -35.01
N GLU C 91 -34.37 -7.62 -33.97
CA GLU C 91 -34.64 -6.86 -32.75
C GLU C 91 -33.36 -6.33 -32.11
N ASP C 92 -32.20 -6.87 -32.47
CA ASP C 92 -30.94 -6.41 -31.90
C ASP C 92 -30.41 -5.15 -32.57
N THR C 93 -31.04 -4.70 -33.66
CA THR C 93 -30.66 -3.42 -34.26
C THR C 93 -30.86 -2.29 -33.26
N ALA C 94 -29.77 -1.62 -32.91
CA ALA C 94 -29.82 -0.60 -31.86
C ALA C 94 -28.46 0.09 -31.80
N VAL C 95 -28.40 1.12 -30.96
CA VAL C 95 -27.16 1.81 -30.63
C VAL C 95 -26.69 1.28 -29.29
N TYR C 96 -25.47 0.77 -29.23
CA TYR C 96 -24.93 0.16 -28.03
C TYR C 96 -23.95 1.11 -27.36
N TYR C 97 -24.18 1.40 -26.08
CA TYR C 97 -23.39 2.35 -25.32
C TYR C 97 -22.61 1.63 -24.22
N CYS C 98 -21.39 2.11 -23.97
CA CYS C 98 -20.66 1.79 -22.75
C CYS C 98 -20.64 3.04 -21.87
N ALA C 99 -20.80 2.83 -20.58
CA ALA C 99 -20.82 3.94 -19.63
C ALA C 99 -20.08 3.54 -18.36
N ARG C 100 -19.18 4.41 -17.92
CA ARG C 100 -18.51 4.23 -16.64
C ARG C 100 -19.41 4.73 -15.52
N VAL C 101 -19.37 4.04 -14.38
CA VAL C 101 -20.15 4.43 -13.21
C VAL C 101 -19.51 5.65 -12.57
N GLY C 102 -20.16 6.23 -11.58
CA GLY C 102 -19.66 7.40 -10.92
C GLY C 102 -18.60 7.08 -9.91
N PRO C 103 -17.92 8.11 -9.42
CA PRO C 103 -16.90 7.92 -8.38
C PRO C 103 -17.53 7.72 -7.01
N TYR C 104 -16.83 6.93 -6.19
CA TYR C 104 -17.34 6.61 -4.87
C TYR C 104 -17.24 7.83 -3.96
N CYS C 105 -18.38 8.40 -3.59
CA CYS C 105 -18.44 9.29 -2.46
C CYS C 105 -18.50 8.47 -1.18
N GLY C 106 -18.19 9.11 -0.06
CA GLY C 106 -18.04 8.37 1.19
C GLY C 106 -19.35 7.98 1.84
N GLY C 107 -20.28 7.42 1.05
CA GLY C 107 -21.60 7.10 1.53
C GLY C 107 -21.69 5.68 2.07
N ASP C 108 -22.91 5.13 2.03
CA ASP C 108 -23.16 3.82 2.60
C ASP C 108 -22.37 2.74 1.88
N SER C 109 -22.43 2.73 0.55
CA SER C 109 -21.77 1.70 -0.23
C SER C 109 -21.55 2.23 -1.64
N PRO C 110 -20.68 1.58 -2.43
CA PRO C 110 -20.49 2.01 -3.81
C PRO C 110 -21.74 1.94 -4.65
N GLN C 111 -22.74 1.16 -4.25
CA GLN C 111 -24.00 1.09 -4.99
C GLN C 111 -24.62 2.47 -5.16
N ASP C 112 -24.27 3.42 -4.28
CA ASP C 112 -24.78 4.78 -4.37
C ASP C 112 -24.27 5.51 -5.61
N ASN C 113 -23.25 4.97 -6.29
CA ASN C 113 -22.64 5.65 -7.43
C ASN C 113 -22.55 4.74 -8.66
N TYR C 114 -23.40 3.72 -8.75
CA TYR C 114 -23.41 2.83 -9.90
C TYR C 114 -24.38 3.28 -10.99
N TYR C 115 -24.71 4.57 -11.02
CA TYR C 115 -25.39 5.14 -12.17
C TYR C 115 -24.45 5.18 -13.37
N MET C 116 -24.91 5.77 -14.48
CA MET C 116 -24.10 5.92 -15.68
C MET C 116 -23.54 7.35 -15.68
N ASP C 117 -22.32 7.50 -15.18
CA ASP C 117 -21.71 8.82 -15.06
C ASP C 117 -21.22 9.33 -16.43
N VAL C 118 -20.26 8.63 -17.02
CA VAL C 118 -19.65 9.04 -18.28
C VAL C 118 -20.07 8.04 -19.35
N TRP C 119 -20.66 8.54 -20.43
CA TRP C 119 -21.17 7.72 -21.50
C TRP C 119 -20.24 7.75 -22.71
N GLY C 120 -20.20 6.64 -23.44
CA GLY C 120 -19.66 6.65 -24.78
C GLY C 120 -20.65 7.26 -25.75
N LYS C 121 -20.20 7.51 -26.97
CA LYS C 121 -21.03 8.19 -27.95
C LYS C 121 -21.93 7.24 -28.73
N GLY C 122 -21.75 5.94 -28.59
CA GLY C 122 -22.67 4.99 -29.18
C GLY C 122 -22.05 4.23 -30.35
N THR C 123 -22.48 2.98 -30.52
CA THR C 123 -22.08 2.13 -31.63
C THR C 123 -23.34 1.56 -32.27
N THR C 124 -23.63 1.99 -33.48
CA THR C 124 -24.82 1.52 -34.19
C THR C 124 -24.57 0.14 -34.78
N VAL C 125 -25.44 -0.82 -34.42
CA VAL C 125 -25.43 -2.15 -34.99
C VAL C 125 -26.74 -2.36 -35.73
N THR C 126 -26.64 -2.72 -37.01
CA THR C 126 -27.81 -2.97 -37.84
C THR C 126 -27.78 -4.42 -38.30
N VAL C 127 -28.86 -5.15 -38.04
CA VAL C 127 -29.00 -6.54 -38.43
C VAL C 127 -30.02 -6.60 -39.56
N SER C 128 -29.54 -6.79 -40.79
CA SER C 128 -30.38 -6.74 -41.98
C SER C 128 -30.29 -8.05 -42.74
N SER C 129 -31.34 -8.35 -43.49
CA SER C 129 -31.43 -9.58 -44.29
C SER C 129 -31.50 -10.81 -43.39
N GLU D 1 -39.57 -8.04 -10.90
CA GLU D 1 -38.63 -6.92 -11.22
C GLU D 1 -39.20 -5.59 -10.75
N ILE D 2 -38.36 -4.56 -10.73
CA ILE D 2 -38.78 -3.20 -10.42
C ILE D 2 -39.04 -2.49 -11.73
N VAL D 3 -40.30 -2.21 -12.01
CA VAL D 3 -40.70 -1.47 -13.21
C VAL D 3 -40.77 0.01 -12.86
N LEU D 4 -40.25 0.84 -13.74
CA LEU D 4 -40.34 2.28 -13.63
C LEU D 4 -41.31 2.80 -14.68
N THR D 5 -42.31 3.55 -14.24
CA THR D 5 -43.33 4.10 -15.12
C THR D 5 -43.23 5.63 -15.05
N GLN D 6 -42.71 6.23 -16.11
CA GLN D 6 -42.64 7.68 -16.20
C GLN D 6 -43.93 8.25 -16.77
N SER D 7 -44.22 9.50 -16.41
CA SER D 7 -45.40 10.18 -16.93
C SER D 7 -45.15 11.67 -16.88
N PRO D 8 -45.70 12.45 -17.81
CA PRO D 8 -46.47 11.95 -18.97
C PRO D 8 -45.56 11.36 -20.04
N GLY D 9 -46.13 10.60 -20.97
CA GLY D 9 -45.33 10.06 -22.05
C GLY D 9 -44.78 11.15 -22.95
N THR D 10 -45.61 12.14 -23.28
CA THR D 10 -45.21 13.31 -24.03
C THR D 10 -45.69 14.55 -23.29
N LEU D 11 -44.82 15.55 -23.20
CA LEU D 11 -45.13 16.80 -22.50
C LEU D 11 -44.80 17.96 -23.44
N SER D 12 -45.83 18.57 -24.00
CA SER D 12 -45.67 19.72 -24.90
C SER D 12 -45.75 21.01 -24.09
N LEU D 13 -44.66 21.76 -24.07
CA LEU D 13 -44.59 23.01 -23.31
C LEU D 13 -43.83 24.04 -24.12
N SER D 14 -43.92 25.31 -23.69
CA SER D 14 -43.20 26.40 -24.33
C SER D 14 -42.02 26.84 -23.47
N PRO D 15 -40.99 27.42 -24.08
CA PRO D 15 -39.89 27.98 -23.28
C PRO D 15 -40.42 28.96 -22.25
N GLY D 16 -39.84 28.91 -21.04
CA GLY D 16 -40.25 29.76 -19.95
C GLY D 16 -41.19 29.11 -18.96
N GLU D 17 -41.89 28.06 -19.38
CA GLU D 17 -42.82 27.37 -18.49
C GLU D 17 -42.08 26.35 -17.62
N ARG D 18 -42.80 25.81 -16.64
CA ARG D 18 -42.26 24.82 -15.72
C ARG D 18 -42.70 23.43 -16.14
N ALA D 19 -41.74 22.52 -16.26
CA ALA D 19 -42.01 21.13 -16.61
C ALA D 19 -41.86 20.26 -15.37
N THR D 20 -42.80 19.33 -15.18
CA THR D 20 -42.79 18.42 -14.04
C THR D 20 -42.90 16.99 -14.57
N LEU D 21 -41.81 16.25 -14.48
CA LEU D 21 -41.76 14.86 -14.92
C LEU D 21 -41.84 13.94 -13.70
N SER D 22 -42.57 12.84 -13.85
CA SER D 22 -42.79 11.90 -12.76
C SER D 22 -42.23 10.53 -13.14
N CYS D 23 -41.64 9.86 -12.15
CA CYS D 23 -41.13 8.51 -12.30
C CYS D 23 -41.67 7.68 -11.14
N ARG D 24 -42.45 6.65 -11.46
CA ARG D 24 -43.15 5.85 -10.46
C ARG D 24 -42.61 4.44 -10.47
N ALA D 25 -42.15 3.97 -9.32
CA ALA D 25 -41.56 2.64 -9.19
C ALA D 25 -42.61 1.66 -8.69
N SER D 26 -42.54 0.42 -9.20
CA SER D 26 -43.46 -0.62 -8.76
C SER D 26 -43.20 -1.03 -7.32
N GLN D 27 -41.95 -0.91 -6.85
CA GLN D 27 -41.60 -1.20 -5.47
C GLN D 27 -40.90 0.02 -4.88
N SER D 28 -40.77 0.02 -3.56
CA SER D 28 -40.07 1.10 -2.88
C SER D 28 -38.58 1.05 -3.22
N VAL D 29 -38.02 2.19 -3.60
CA VAL D 29 -36.62 2.30 -3.98
C VAL D 29 -35.97 3.40 -3.16
N SER D 30 -34.72 3.18 -2.74
CA SER D 30 -34.00 4.18 -2.00
C SER D 30 -33.70 5.39 -2.89
N SER D 31 -33.80 6.58 -2.29
CA SER D 31 -33.53 7.81 -3.05
C SER D 31 -32.12 7.79 -3.62
N SER D 32 -31.17 7.22 -2.89
CA SER D 32 -29.78 7.21 -3.34
C SER D 32 -29.56 6.32 -4.56
N TYR D 33 -30.58 5.59 -5.00
CA TYR D 33 -30.46 4.69 -6.15
C TYR D 33 -31.31 5.13 -7.33
N LEU D 34 -31.65 6.42 -7.40
CA LEU D 34 -32.52 6.94 -8.46
C LEU D 34 -31.76 7.99 -9.26
N ALA D 35 -31.77 7.85 -10.58
CA ALA D 35 -31.04 8.74 -11.47
C ALA D 35 -31.95 9.22 -12.60
N TRP D 36 -31.68 10.42 -13.07
CA TRP D 36 -32.35 10.98 -14.25
C TRP D 36 -31.33 11.21 -15.36
N TYR D 37 -31.78 11.08 -16.60
CA TYR D 37 -30.92 11.25 -17.76
C TYR D 37 -31.63 12.09 -18.82
N GLN D 38 -30.83 12.76 -19.64
CA GLN D 38 -31.33 13.60 -20.74
C GLN D 38 -30.69 13.11 -22.03
N GLN D 39 -31.51 12.94 -23.06
CA GLN D 39 -31.04 12.47 -24.36
C GLN D 39 -31.64 13.33 -25.47
N LYS D 40 -30.80 14.15 -26.09
CA LYS D 40 -31.20 14.88 -27.29
C LYS D 40 -31.12 13.96 -28.50
N PRO D 41 -31.87 14.27 -29.56
CA PRO D 41 -31.89 13.37 -30.72
C PRO D 41 -30.52 13.27 -31.36
N GLY D 42 -30.14 12.04 -31.71
CA GLY D 42 -28.86 11.78 -32.32
C GLY D 42 -27.69 11.71 -31.36
N GLN D 43 -27.86 12.21 -30.13
CA GLN D 43 -26.80 12.22 -29.14
C GLN D 43 -26.93 11.02 -28.21
N ALA D 44 -26.00 10.91 -27.28
CA ALA D 44 -26.03 9.89 -26.25
C ALA D 44 -26.62 10.45 -24.96
N PRO D 45 -27.21 9.62 -24.11
CA PRO D 45 -27.78 10.15 -22.86
C PRO D 45 -26.73 10.84 -22.00
N ARG D 46 -27.18 11.80 -21.21
CA ARG D 46 -26.32 12.58 -20.33
C ARG D 46 -26.85 12.49 -18.91
N LEU D 47 -25.96 12.25 -17.95
CA LEU D 47 -26.37 12.20 -16.57
C LEU D 47 -26.90 13.57 -16.13
N LEU D 48 -28.06 13.56 -15.47
CA LEU D 48 -28.71 14.79 -15.04
C LEU D 48 -28.82 14.84 -13.52
N ILE D 49 -29.52 13.89 -12.91
CA ILE D 49 -29.65 13.78 -11.47
C ILE D 49 -29.22 12.39 -11.05
N TYR D 50 -28.47 12.32 -9.95
CA TYR D 50 -28.19 11.06 -9.28
C TYR D 50 -28.60 11.19 -7.82
N GLY D 51 -28.81 10.06 -7.18
CA GLY D 51 -29.27 10.07 -5.79
C GLY D 51 -30.57 10.80 -5.60
N ALA D 52 -31.40 10.85 -6.64
CA ALA D 52 -32.75 11.42 -6.57
C ALA D 52 -32.75 12.95 -6.60
N SER D 53 -31.72 13.59 -6.07
CA SER D 53 -31.74 15.05 -5.94
C SER D 53 -30.39 15.72 -6.14
N SER D 54 -29.33 14.99 -6.46
CA SER D 54 -28.00 15.56 -6.62
C SER D 54 -27.74 15.82 -8.09
N ARG D 55 -27.45 17.08 -8.44
CA ARG D 55 -27.14 17.43 -9.81
C ARG D 55 -25.78 16.87 -10.22
N ALA D 56 -25.69 16.42 -11.46
CA ALA D 56 -24.40 16.05 -12.02
C ALA D 56 -23.57 17.30 -12.28
N THR D 57 -22.30 17.09 -12.61
CA THR D 57 -21.41 18.20 -12.89
C THR D 57 -21.88 18.96 -14.11
N GLY D 58 -21.91 20.29 -14.00
CA GLY D 58 -22.32 21.14 -15.10
C GLY D 58 -23.77 20.99 -15.49
N ILE D 59 -24.66 21.01 -14.52
CA ILE D 59 -26.09 20.93 -14.74
C ILE D 59 -26.73 22.19 -14.16
N PRO D 60 -27.46 22.99 -14.95
CA PRO D 60 -27.99 24.25 -14.42
C PRO D 60 -28.89 24.04 -13.21
N ASP D 61 -29.05 25.11 -12.43
CA ASP D 61 -29.84 25.05 -11.22
C ASP D 61 -31.32 24.84 -11.50
N ARG D 62 -31.78 25.17 -12.71
CA ARG D 62 -33.20 25.00 -13.01
C ARG D 62 -33.62 23.54 -13.04
N PHE D 63 -32.68 22.61 -13.05
CA PHE D 63 -32.98 21.19 -12.90
C PHE D 63 -32.90 20.80 -11.42
N SER D 64 -33.95 20.15 -10.92
CA SER D 64 -34.00 19.75 -9.52
C SER D 64 -34.73 18.42 -9.40
N GLY D 65 -34.12 17.48 -8.68
CA GLY D 65 -34.72 16.20 -8.42
C GLY D 65 -35.37 16.15 -7.05
N SER D 66 -36.34 15.26 -6.91
CA SER D 66 -37.12 15.17 -5.69
C SER D 66 -37.83 13.83 -5.64
N GLY D 67 -38.43 13.55 -4.49
CA GLY D 67 -39.22 12.35 -4.28
C GLY D 67 -38.47 11.29 -3.51
N SER D 68 -39.19 10.20 -3.24
CA SER D 68 -38.65 9.08 -2.47
C SER D 68 -39.66 7.94 -2.53
N GLY D 69 -39.24 6.78 -2.04
CA GLY D 69 -40.11 5.62 -2.00
C GLY D 69 -40.48 5.10 -3.37
N THR D 70 -41.67 5.47 -3.85
CA THR D 70 -42.16 5.01 -5.14
C THR D 70 -42.49 6.15 -6.10
N ASP D 71 -42.34 7.40 -5.68
CA ASP D 71 -42.72 8.56 -6.49
C ASP D 71 -41.56 9.54 -6.51
N PHE D 72 -40.96 9.72 -7.68
CA PHE D 72 -39.85 10.64 -7.87
C PHE D 72 -40.22 11.68 -8.92
N THR D 73 -39.69 12.88 -8.78
CA THR D 73 -40.07 14.01 -9.61
C THR D 73 -38.83 14.75 -10.10
N LEU D 74 -38.78 15.01 -11.40
CA LEU D 74 -37.82 15.93 -11.99
C LEU D 74 -38.56 17.20 -12.38
N THR D 75 -38.02 18.35 -11.99
CA THR D 75 -38.64 19.64 -12.27
C THR D 75 -37.63 20.52 -12.97
N ILE D 76 -38.05 21.15 -14.07
CA ILE D 76 -37.25 22.16 -14.75
C ILE D 76 -37.90 23.50 -14.45
N SER D 77 -37.20 24.35 -13.71
CA SER D 77 -37.73 25.62 -13.26
C SER D 77 -38.29 26.44 -14.41
N ARG D 78 -37.43 26.85 -15.34
CA ARG D 78 -37.83 27.67 -16.48
C ARG D 78 -37.20 27.08 -17.73
N LEU D 79 -38.03 26.62 -18.66
CA LEU D 79 -37.56 25.87 -19.80
C LEU D 79 -36.77 26.75 -20.76
N GLU D 80 -35.61 26.27 -21.17
CA GLU D 80 -34.83 26.85 -22.25
C GLU D 80 -34.89 25.95 -23.47
N PRO D 81 -34.70 26.50 -24.67
CA PRO D 81 -34.75 25.65 -25.88
C PRO D 81 -33.83 24.44 -25.83
N GLU D 82 -32.74 24.49 -25.05
CA GLU D 82 -31.83 23.36 -24.96
C GLU D 82 -32.40 22.22 -24.13
N ASP D 83 -33.45 22.48 -23.35
CA ASP D 83 -33.98 21.50 -22.41
C ASP D 83 -35.01 20.57 -23.04
N PHE D 84 -35.41 20.81 -24.28
CA PHE D 84 -36.40 19.96 -24.95
C PHE D 84 -35.68 18.72 -25.49
N ALA D 85 -36.01 17.57 -24.93
CA ALA D 85 -35.36 16.31 -25.27
C ALA D 85 -36.14 15.19 -24.58
N VAL D 86 -35.64 13.97 -24.67
CA VAL D 86 -36.21 12.84 -23.96
C VAL D 86 -35.54 12.74 -22.59
N TYR D 87 -36.32 12.33 -21.59
CA TYR D 87 -35.84 12.20 -20.22
C TYR D 87 -36.19 10.82 -19.69
N TYR D 88 -35.16 10.10 -19.21
CA TYR D 88 -35.33 8.78 -18.62
C TYR D 88 -34.95 8.82 -17.16
N CYS D 89 -35.69 8.07 -16.33
CA CYS D 89 -35.26 7.77 -14.98
C CYS D 89 -34.68 6.37 -14.93
N GLN D 90 -33.88 6.11 -13.89
CA GLN D 90 -33.18 4.84 -13.76
C GLN D 90 -33.06 4.49 -12.29
N GLN D 91 -33.18 3.21 -11.99
CA GLN D 91 -32.98 2.67 -10.65
C GLN D 91 -31.75 1.78 -10.70
N TYR D 92 -30.70 2.18 -9.98
CA TYR D 92 -29.44 1.46 -10.01
C TYR D 92 -29.11 0.83 -8.66
N GLY D 93 -30.09 0.16 -8.04
CA GLY D 93 -29.86 -0.58 -6.82
C GLY D 93 -29.22 -1.93 -7.08
N SER D 94 -28.91 -2.63 -5.99
CA SER D 94 -28.25 -3.92 -6.09
C SER D 94 -29.06 -4.91 -6.92
N SER D 95 -30.39 -4.84 -6.83
CA SER D 95 -31.26 -5.78 -7.53
C SER D 95 -30.92 -5.84 -9.01
N SER D 96 -31.22 -4.78 -9.74
CA SER D 96 -30.92 -4.71 -11.17
C SER D 96 -30.90 -3.23 -11.57
N TYR D 97 -30.76 -2.99 -12.88
CA TYR D 97 -30.63 -1.63 -13.40
C TYR D 97 -31.66 -1.48 -14.52
N THR D 98 -32.69 -0.68 -14.26
CA THR D 98 -33.81 -0.56 -15.18
C THR D 98 -34.14 0.92 -15.39
N PHE D 99 -34.48 1.25 -16.63
CA PHE D 99 -34.91 2.59 -17.00
C PHE D 99 -36.43 2.64 -17.10
N GLY D 100 -36.97 3.86 -17.03
CA GLY D 100 -38.35 4.08 -17.40
C GLY D 100 -38.51 4.19 -18.90
N GLN D 101 -39.77 4.23 -19.35
CA GLN D 101 -40.01 4.31 -20.79
C GLN D 101 -39.63 5.66 -21.37
N GLY D 102 -39.47 6.68 -20.53
CA GLY D 102 -39.00 7.98 -20.98
C GLY D 102 -40.12 8.96 -21.25
N THR D 103 -39.88 10.23 -20.94
CA THR D 103 -40.80 11.32 -21.23
C THR D 103 -40.27 12.13 -22.40
N LYS D 104 -41.13 12.40 -23.36
CA LYS D 104 -40.76 13.16 -24.57
C LYS D 104 -41.21 14.60 -24.34
N LEU D 105 -40.25 15.47 -24.02
CA LEU D 105 -40.52 16.88 -23.76
C LEU D 105 -40.44 17.63 -25.08
N GLU D 106 -41.59 18.00 -25.63
CA GLU D 106 -41.69 18.63 -26.94
C GLU D 106 -41.91 20.13 -26.81
N ILE D 107 -41.73 20.82 -27.93
CA ILE D 107 -41.99 22.26 -28.02
C ILE D 107 -43.46 22.45 -28.39
N LYS D 108 -44.20 23.11 -27.51
CA LYS D 108 -45.61 23.35 -27.75
C LYS D 108 -45.80 24.16 -29.03
N ARG D 109 -46.73 23.71 -29.87
CA ARG D 109 -47.11 24.43 -31.08
C ARG D 109 -48.35 25.25 -30.78
N LEU D 110 -48.32 26.53 -31.16
CA LEU D 110 -49.34 27.49 -30.78
C LEU D 110 -50.09 27.98 -32.02
N VAL D 111 -51.24 28.61 -31.76
CA VAL D 111 -52.02 29.25 -32.81
C VAL D 111 -51.55 30.70 -32.92
N PRO D 112 -51.52 31.28 -34.13
CA PRO D 112 -51.00 32.65 -34.25
C PRO D 112 -51.79 33.65 -33.43
N ARG D 113 -51.08 34.60 -32.83
CA ARG D 113 -51.72 35.68 -32.09
C ARG D 113 -50.96 36.98 -32.32
CL CL E . 11.16 5.53 8.93
CL CL F . -20.83 12.92 -11.03
#